data_4WD1
#
_entry.id   4WD1
#
_cell.length_a   104.408
_cell.length_b   104.408
_cell.length_c   133.906
_cell.angle_alpha   90.00
_cell.angle_beta   90.00
_cell.angle_gamma   120.00
#
_symmetry.space_group_name_H-M   'P 31 2 1'
#
loop_
_entity.id
_entity.type
_entity.pdbx_description
1 polymer 'Acetoacetate-CoA ligase'
2 non-polymer 1,2-ETHANEDIOL
3 non-polymer 'CALCIUM ION'
4 water water
#
_entity_poly.entity_id   1
_entity_poly.type   'polypeptide(L)'
_entity_poly.pdbx_seq_one_letter_code
;MSTENPQPLWQPDAQRIAQARITRFQAWAAEHHGAPAEGGYAALHRWSVDELDTFWKAVTEWFDVRFSTPYARVLGDRTM
PGAQWFPGATLNYAEHALRAAGTRPDEPALLYVDETHEPAPVTWAELRRQVASLAAELRALGVRPGDRVSGYLPNIPQAV
VALLATAAVGGVWTSCAPDFGARSVLDRFQQVEPVVLFTVDGYRYGGKEHDRRDTVAELRRELPTLRAVIHIPLLGTEAP
DGTLDWETLTAADAEPVYEQVPFDHPLWVLYSSGTTGLPKAIVQSQGGILVEHLKQLGLHCDLGPGDRFFWYTSTGWMMW
NFLVSGLLTGTTIVLYDGSPGFPATDAQWRIAERTGATLFGTSAAYVMACRKAGVHPARDLDLSAIQCVATTGSPLPPDG
FRWLHDEFAAGGADLWIASVSGGTDVCSCFAGAVPTLPVHIGELQAPGLGTDLQSWDPSGDPLTDEVGELVVTNPMPSMP
IRFWNDPDGSRYHDSYFDTYPGVWRHGDWITLTSRGSVVIHGRSDSTLNRQGVRMGSADIYEAVERLPEIRESLVIGIEQ
PDGGYWMPLFVHLAPGATLDDALLDRIKRTIRVNLSPRHVPDEVIEVPGIPHTLTGKRIEVPVKRLLQGTPLDKAVNPGS
IDNLDLLHFYEELARKRS
;
_entity_poly.pdbx_strand_id   A
#
# COMPACT_ATOMS: atom_id res chain seq x y z
N PRO A 6 -26.02 -7.01 13.98
CA PRO A 6 -24.92 -7.50 13.13
C PRO A 6 -24.00 -8.43 13.89
N GLN A 7 -23.92 -9.69 13.44
CA GLN A 7 -23.11 -10.69 14.13
C GLN A 7 -21.67 -10.66 13.63
N PRO A 8 -20.73 -10.33 14.52
CA PRO A 8 -19.32 -10.32 14.12
C PRO A 8 -18.83 -11.69 13.62
N LEU A 9 -17.86 -11.65 12.71
CA LEU A 9 -17.13 -12.86 12.34
C LEU A 9 -16.25 -13.28 13.50
N TRP A 10 -15.77 -12.30 14.26
CA TRP A 10 -14.75 -12.53 15.27
C TRP A 10 -14.73 -11.40 16.28
N GLN A 11 -14.44 -11.75 17.53
CA GLN A 11 -14.31 -10.77 18.61
C GLN A 11 -13.03 -11.07 19.36
N PRO A 12 -12.15 -10.06 19.51
CA PRO A 12 -10.93 -10.33 20.27
C PRO A 12 -11.26 -10.61 21.74
N ASP A 13 -10.54 -11.54 22.35
CA ASP A 13 -10.75 -11.86 23.76
C ASP A 13 -10.24 -10.73 24.65
N ALA A 14 -10.73 -10.68 25.90
CA ALA A 14 -10.47 -9.54 26.77
C ALA A 14 -8.99 -9.38 27.12
N GLN A 15 -8.26 -10.48 27.18
CA GLN A 15 -6.85 -10.39 27.55
C GLN A 15 -6.03 -9.89 26.37
N ARG A 16 -6.40 -10.31 25.17
CA ARG A 16 -5.79 -9.79 23.95
C ARG A 16 -5.98 -8.29 23.86
N ILE A 17 -7.20 -7.84 24.12
CA ILE A 17 -7.48 -6.41 24.24
C ILE A 17 -6.60 -5.74 25.29
N ALA A 18 -6.53 -6.32 26.48
CA ALA A 18 -5.73 -5.71 27.54
C ALA A 18 -4.24 -5.64 27.19
N GLN A 19 -3.76 -6.60 26.39
CA GLN A 19 -2.34 -6.68 26.10
C GLN A 19 -1.91 -5.89 24.86
N ALA A 20 -2.88 -5.43 24.09
CA ALA A 20 -2.59 -4.66 22.88
C ALA A 20 -1.82 -3.37 23.22
N ARG A 21 -0.79 -3.08 22.44
CA ARG A 21 -0.02 -1.86 22.63
C ARG A 21 -0.92 -0.64 22.58
N ILE A 22 -1.97 -0.69 21.77
CA ILE A 22 -2.86 0.46 21.68
C ILE A 22 -3.63 0.69 22.98
N THR A 23 -3.87 -0.39 23.71
CA THR A 23 -4.55 -0.27 25.00
C THR A 23 -3.60 0.37 26.02
N ARG A 24 -2.36 -0.06 26.00
CA ARG A 24 -1.34 0.52 26.87
C ARG A 24 -1.13 1.99 26.53
N PHE A 25 -1.23 2.33 25.25
CA PHE A 25 -1.07 3.72 24.81
C PHE A 25 -2.20 4.58 25.37
N GLN A 26 -3.43 4.10 25.27
CA GLN A 26 -4.57 4.84 25.79
C GLN A 26 -4.43 5.10 27.29
N ALA A 27 -4.03 4.09 28.05
CA ALA A 27 -3.83 4.24 29.49
C ALA A 27 -2.77 5.27 29.80
N TRP A 28 -1.68 5.22 29.05
CA TRP A 28 -0.57 6.14 29.23
C TRP A 28 -0.96 7.56 28.83
N ALA A 29 -1.69 7.68 27.73
CA ALA A 29 -2.16 8.97 27.25
C ALA A 29 -3.18 9.59 28.21
N ALA A 30 -3.97 8.73 28.86
CA ALA A 30 -4.96 9.21 29.83
C ALA A 30 -4.27 9.72 31.09
N GLU A 31 -3.15 9.11 31.45
CA GLU A 31 -2.39 9.57 32.61
C GLU A 31 -1.65 10.88 32.33
N HIS A 32 -1.07 11.00 31.13
CA HIS A 32 -0.14 12.09 30.86
C HIS A 32 -0.62 13.17 29.89
N HIS A 33 -1.63 12.87 29.06
CA HIS A 33 -2.02 13.81 28.02
C HIS A 33 -3.50 14.14 27.98
N GLY A 34 -4.23 13.76 29.02
CA GLY A 34 -5.65 14.10 29.09
C GLY A 34 -6.54 13.27 28.20
N ALA A 35 -6.04 12.16 27.68
CA ALA A 35 -6.89 11.25 26.90
C ALA A 35 -7.91 10.60 27.83
N PRO A 36 -9.04 10.15 27.27
CA PRO A 36 -10.03 9.39 28.06
C PRO A 36 -9.51 8.00 28.44
N ALA A 37 -9.58 7.65 29.72
CA ALA A 37 -9.13 6.34 30.16
C ALA A 37 -10.19 5.30 29.81
N GLU A 38 -11.45 5.72 29.80
CA GLU A 38 -12.55 4.80 29.55
C GLU A 38 -13.10 5.02 28.15
N GLY A 39 -13.85 4.04 27.67
CA GLY A 39 -14.52 4.18 26.39
C GLY A 39 -13.86 3.47 25.20
N GLY A 40 -12.72 2.84 25.44
CA GLY A 40 -12.06 2.05 24.40
C GLY A 40 -11.72 2.85 23.16
N TYR A 41 -11.68 2.18 22.01
CA TYR A 41 -11.28 2.86 20.77
C TYR A 41 -12.19 4.03 20.38
N ALA A 42 -13.50 3.86 20.53
CA ALA A 42 -14.42 4.94 20.15
C ALA A 42 -14.04 6.23 20.85
N ALA A 43 -13.70 6.13 22.13
CA ALA A 43 -13.33 7.29 22.91
C ALA A 43 -11.95 7.79 22.53
N LEU A 44 -10.99 6.87 22.39
CA LEU A 44 -9.63 7.26 22.00
C LEU A 44 -9.64 7.99 20.66
N HIS A 45 -10.41 7.48 19.72
CA HIS A 45 -10.45 8.07 18.40
C HIS A 45 -11.05 9.47 18.40
N ARG A 46 -12.17 9.63 19.08
CA ARG A 46 -12.79 10.93 19.18
C ARG A 46 -11.79 11.94 19.78
N TRP A 47 -11.06 11.52 20.81
CA TRP A 47 -10.01 12.36 21.40
C TRP A 47 -8.90 12.68 20.40
N SER A 48 -8.49 11.68 19.60
CA SER A 48 -7.39 11.87 18.66
C SER A 48 -7.74 12.92 17.61
N VAL A 49 -9.04 13.08 17.37
CA VAL A 49 -9.53 14.07 16.39
C VAL A 49 -9.85 15.42 17.06
N ASP A 50 -10.48 15.36 18.22
CA ASP A 50 -10.87 16.57 18.94
C ASP A 50 -9.67 17.29 19.58
N GLU A 51 -8.66 16.53 19.97
CA GLU A 51 -7.42 17.09 20.49
C GLU A 51 -6.24 16.69 19.59
N LEU A 52 -6.31 17.08 18.32
CA LEU A 52 -5.37 16.62 17.30
C LEU A 52 -3.90 16.88 17.65
N ASP A 53 -3.58 18.11 18.09
CA ASP A 53 -2.20 18.46 18.42
C ASP A 53 -1.67 17.63 19.58
N THR A 54 -2.48 17.49 20.62
CA THR A 54 -2.03 16.73 21.77
C THR A 54 -1.87 15.26 21.37
N PHE A 55 -2.78 14.76 20.56
CA PHE A 55 -2.68 13.37 20.11
C PHE A 55 -1.33 13.11 19.42
N TRP A 56 -1.00 13.94 18.44
CA TRP A 56 0.27 13.72 17.74
C TRP A 56 1.49 13.95 18.60
N LYS A 57 1.40 14.90 19.54
CA LYS A 57 2.43 15.04 20.55
C LYS A 57 2.58 13.73 21.31
N ALA A 58 1.45 13.16 21.72
CA ALA A 58 1.44 11.89 22.46
C ALA A 58 2.11 10.78 21.65
N VAL A 59 1.79 10.72 20.36
CA VAL A 59 2.40 9.74 19.47
C VAL A 59 3.92 9.88 19.47
N THR A 60 4.42 11.10 19.28
CA THR A 60 5.86 11.29 19.26
C THR A 60 6.55 10.92 20.58
N GLU A 61 5.90 11.17 21.70
CA GLU A 61 6.49 10.78 22.99
C GLU A 61 6.46 9.27 23.22
N TRP A 62 5.32 8.66 22.89
CA TRP A 62 5.16 7.22 23.07
C TRP A 62 6.24 6.48 22.32
N PHE A 63 6.52 6.92 21.10
CA PHE A 63 7.54 6.26 20.26
C PHE A 63 8.93 6.86 20.41
N ASP A 64 9.05 7.84 21.31
CA ASP A 64 10.33 8.46 21.60
C ASP A 64 10.96 8.98 20.31
N VAL A 65 10.17 9.70 19.52
CA VAL A 65 10.74 10.41 18.38
C VAL A 65 11.61 11.53 18.90
N ARG A 66 12.87 11.55 18.48
CA ARG A 66 13.82 12.51 19.03
C ARG A 66 14.12 13.63 18.04
N PHE A 67 13.45 14.75 18.20
CA PHE A 67 13.71 15.91 17.35
C PHE A 67 15.05 16.57 17.71
N SER A 68 15.96 16.68 16.74
CA SER A 68 17.28 17.23 17.01
C SER A 68 17.25 18.75 17.21
N THR A 69 16.21 19.37 16.68
CA THR A 69 15.83 20.74 16.95
C THR A 69 14.38 20.67 17.41
N PRO A 70 14.04 21.41 18.48
CA PRO A 70 12.67 21.33 19.00
C PRO A 70 11.63 21.95 18.08
N TYR A 71 10.43 21.39 18.12
CA TYR A 71 9.33 22.03 17.39
C TYR A 71 8.81 23.27 18.10
N ALA A 72 8.39 24.27 17.33
CA ALA A 72 7.76 25.46 17.88
C ALA A 72 6.35 25.15 18.37
N ARG A 73 5.68 24.25 17.66
CA ARG A 73 4.35 23.77 18.01
C ARG A 73 4.09 22.53 17.20
N VAL A 74 3.06 21.76 17.57
CA VAL A 74 2.74 20.53 16.83
C VAL A 74 2.15 20.86 15.47
N LEU A 75 1.27 21.86 15.45
CA LEU A 75 0.57 22.23 14.23
C LEU A 75 0.45 23.75 14.14
N GLY A 76 0.88 24.30 13.00
CA GLY A 76 0.70 25.72 12.75
C GLY A 76 -0.58 25.88 11.95
N ASP A 77 -0.43 26.25 10.69
CA ASP A 77 -1.56 26.35 9.78
C ASP A 77 -2.18 24.97 9.61
N ARG A 78 -3.50 24.89 9.84
CA ARG A 78 -4.22 23.60 9.83
C ARG A 78 -4.99 23.36 8.55
N THR A 79 -5.02 24.34 7.66
CA THR A 79 -5.84 24.22 6.46
C THR A 79 -5.21 23.31 5.39
N MET A 80 -6.05 22.67 4.59
CA MET A 80 -5.56 21.74 3.58
C MET A 80 -5.82 22.27 2.17
N PRO A 81 -4.95 21.92 1.21
CA PRO A 81 -3.73 21.15 1.44
C PRO A 81 -2.64 22.03 2.03
N GLY A 82 -1.52 21.42 2.43
CA GLY A 82 -0.39 22.18 2.94
C GLY A 82 -0.39 22.49 4.42
N ALA A 83 -0.99 21.64 5.25
CA ALA A 83 -0.95 21.86 6.70
C ALA A 83 0.51 21.89 7.18
N GLN A 84 0.74 22.56 8.31
CA GLN A 84 2.09 22.83 8.80
C GLN A 84 2.42 22.03 10.08
N TRP A 85 3.06 20.88 9.90
CA TRP A 85 3.35 19.97 11.00
C TRP A 85 4.71 20.19 11.64
N PHE A 86 4.74 20.24 12.97
CA PHE A 86 5.98 20.32 13.75
C PHE A 86 6.97 21.34 13.18
N PRO A 87 6.50 22.54 12.85
CA PRO A 87 7.42 23.57 12.35
C PRO A 87 8.54 23.81 13.34
N GLY A 88 9.76 23.92 12.81
CA GLY A 88 10.94 24.17 13.63
C GLY A 88 11.73 22.90 13.92
N ALA A 89 11.05 21.77 13.93
CA ALA A 89 11.68 20.51 14.30
C ALA A 89 12.57 19.97 13.18
N THR A 90 13.61 19.24 13.56
CA THR A 90 14.39 18.46 12.60
C THR A 90 14.53 17.03 13.09
N LEU A 91 14.79 16.11 12.17
CA LEU A 91 14.89 14.69 12.49
C LEU A 91 15.52 13.94 11.32
N ASN A 92 15.65 12.62 11.45
CA ASN A 92 16.01 11.77 10.31
C ASN A 92 15.34 10.40 10.39
N TYR A 93 14.65 10.04 9.32
CA TYR A 93 13.91 8.78 9.24
C TYR A 93 14.81 7.56 9.41
N ALA A 94 15.94 7.56 8.72
CA ALA A 94 16.87 6.42 8.80
C ALA A 94 17.45 6.29 10.20
N GLU A 95 17.74 7.43 10.84
CA GLU A 95 18.28 7.41 12.19
C GLU A 95 17.29 6.72 13.14
N HIS A 96 16.01 7.05 13.01
CA HIS A 96 14.99 6.40 13.83
C HIS A 96 14.90 4.92 13.51
N ALA A 97 14.90 4.60 12.22
CA ALA A 97 14.77 3.22 11.77
C ALA A 97 15.88 2.33 12.31
N LEU A 98 17.05 2.90 12.57
CA LEU A 98 18.19 2.07 12.94
C LEU A 98 18.49 2.10 14.43
N ARG A 99 17.56 2.64 15.21
CA ARG A 99 17.77 2.72 16.66
C ARG A 99 18.02 1.35 17.29
N ALA A 100 17.36 0.31 16.79
CA ALA A 100 17.55 -1.04 17.32
C ALA A 100 18.96 -1.60 17.14
N ALA A 101 19.74 -1.03 16.21
CA ALA A 101 21.14 -1.42 16.11
C ALA A 101 21.91 -1.08 17.40
N GLY A 102 21.38 -0.13 18.17
CA GLY A 102 21.98 0.19 19.47
C GLY A 102 21.45 -0.62 20.63
N THR A 103 20.36 -1.37 20.42
CA THR A 103 19.74 -2.09 21.54
C THR A 103 19.84 -3.61 21.38
N ARG A 104 19.70 -4.08 20.15
CA ARG A 104 19.82 -5.51 19.84
C ARG A 104 20.63 -5.70 18.54
N PRO A 105 21.90 -5.25 18.57
CA PRO A 105 22.76 -5.22 17.37
C PRO A 105 22.88 -6.56 16.65
N ASP A 106 22.89 -7.67 17.37
CA ASP A 106 23.13 -8.96 16.72
C ASP A 106 21.86 -9.68 16.31
N GLU A 107 20.71 -9.08 16.58
CA GLU A 107 19.44 -9.65 16.13
C GLU A 107 19.27 -9.38 14.65
N PRO A 108 18.49 -10.23 13.94
CA PRO A 108 18.23 -9.94 12.54
C PRO A 108 17.34 -8.71 12.38
N ALA A 109 17.78 -7.79 11.53
CA ALA A 109 16.95 -6.66 11.11
C ALA A 109 16.18 -7.06 9.84
N LEU A 110 16.87 -7.74 8.93
CA LEU A 110 16.26 -8.21 7.69
C LEU A 110 16.39 -9.72 7.63
N LEU A 111 15.34 -10.40 7.16
CA LEU A 111 15.46 -11.80 6.77
C LEU A 111 15.06 -11.80 5.30
N TYR A 112 15.98 -12.16 4.41
CA TYR A 112 15.66 -12.08 2.99
C TYR A 112 15.71 -13.43 2.29
N VAL A 113 14.90 -13.58 1.27
CA VAL A 113 14.74 -14.90 0.69
C VAL A 113 14.34 -14.75 -0.76
N ASP A 114 14.71 -15.72 -1.58
CA ASP A 114 14.29 -15.72 -2.97
C ASP A 114 13.61 -17.05 -3.25
N GLU A 115 13.53 -17.44 -4.50
CA GLU A 115 12.76 -18.64 -4.84
C GLU A 115 13.43 -19.96 -4.43
N THR A 116 14.64 -19.87 -3.89
CA THR A 116 15.27 -21.05 -3.28
C THR A 116 14.68 -21.32 -1.90
N HIS A 117 13.92 -20.36 -1.36
CA HIS A 117 13.31 -20.48 -0.04
C HIS A 117 14.35 -20.82 1.04
N GLU A 118 15.51 -20.18 0.95
CA GLU A 118 16.55 -20.34 1.98
C GLU A 118 16.89 -18.96 2.56
N PRO A 119 16.18 -18.57 3.62
CA PRO A 119 16.35 -17.22 4.19
C PRO A 119 17.78 -16.94 4.66
N ALA A 120 18.16 -15.68 4.59
CA ALA A 120 19.43 -15.22 5.13
C ALA A 120 19.19 -13.96 5.96
N PRO A 121 19.94 -13.82 7.07
CA PRO A 121 19.74 -12.65 7.92
C PRO A 121 20.73 -11.53 7.63
N VAL A 122 20.30 -10.30 7.87
CA VAL A 122 21.23 -9.17 8.00
C VAL A 122 20.96 -8.61 9.39
N THR A 123 21.97 -8.62 10.27
CA THR A 123 21.76 -8.12 11.63
C THR A 123 21.52 -6.61 11.66
N TRP A 124 20.95 -6.13 12.74
CA TRP A 124 20.80 -4.70 12.93
C TRP A 124 22.15 -4.00 12.80
N ALA A 125 23.20 -4.55 13.42
CA ALA A 125 24.52 -3.91 13.35
C ALA A 125 25.05 -3.87 11.92
N GLU A 126 24.89 -4.97 11.21
CA GLU A 126 25.36 -5.05 9.82
C GLU A 126 24.57 -4.08 8.93
N LEU A 127 23.26 -4.01 9.13
CA LEU A 127 22.43 -3.08 8.37
C LEU A 127 22.89 -1.64 8.59
N ARG A 128 23.06 -1.28 9.85
CA ARG A 128 23.53 0.06 10.18
C ARG A 128 24.86 0.38 9.50
N ARG A 129 25.77 -0.59 9.50
CA ARG A 129 27.10 -0.41 8.89
C ARG A 129 27.03 -0.25 7.38
N GLN A 130 26.27 -1.13 6.72
CA GLN A 130 26.13 -1.01 5.26
C GLN A 130 25.49 0.32 4.88
N VAL A 131 24.46 0.71 5.63
CA VAL A 131 23.80 1.99 5.38
C VAL A 131 24.77 3.16 5.54
N ALA A 132 25.57 3.14 6.61
CA ALA A 132 26.56 4.20 6.81
C ALA A 132 27.61 4.25 5.69
N SER A 133 28.10 3.09 5.29
CA SER A 133 29.08 3.00 4.20
C SER A 133 28.51 3.62 2.92
N LEU A 134 27.31 3.22 2.56
CA LEU A 134 26.68 3.68 1.32
C LEU A 134 26.32 5.17 1.41
N ALA A 135 25.86 5.61 2.58
CA ALA A 135 25.54 7.02 2.75
C ALA A 135 26.79 7.86 2.54
N ALA A 136 27.92 7.42 3.08
CA ALA A 136 29.17 8.15 2.91
C ALA A 136 29.56 8.22 1.42
N GLU A 137 29.35 7.12 0.71
CA GLU A 137 29.62 7.08 -0.72
C GLU A 137 28.69 8.03 -1.47
N LEU A 138 27.41 8.06 -1.10
CA LEU A 138 26.48 8.98 -1.75
C LEU A 138 26.90 10.44 -1.52
N ARG A 139 27.32 10.77 -0.30
CA ARG A 139 27.82 12.12 -0.02
C ARG A 139 29.04 12.43 -0.90
N ALA A 140 29.97 11.49 -0.98
CA ALA A 140 31.15 11.65 -1.81
C ALA A 140 30.83 11.79 -3.31
N LEU A 141 29.71 11.22 -3.74
CA LEU A 141 29.26 11.38 -5.13
C LEU A 141 28.55 12.70 -5.35
N GLY A 142 28.42 13.49 -4.29
CA GLY A 142 27.77 14.79 -4.40
C GLY A 142 26.26 14.80 -4.26
N VAL A 143 25.69 13.77 -3.65
CA VAL A 143 24.25 13.79 -3.40
C VAL A 143 24.00 14.76 -2.24
N ARG A 144 23.17 15.77 -2.47
CA ARG A 144 22.85 16.74 -1.42
C ARG A 144 21.41 16.55 -0.98
N PRO A 145 21.06 17.09 0.19
CA PRO A 145 19.68 16.91 0.67
C PRO A 145 18.71 17.48 -0.36
N GLY A 146 17.70 16.69 -0.75
CA GLY A 146 16.76 17.14 -1.76
C GLY A 146 16.95 16.49 -3.13
N ASP A 147 18.17 16.10 -3.45
CA ASP A 147 18.44 15.40 -4.72
C ASP A 147 17.67 14.08 -4.77
N ARG A 148 17.14 13.73 -5.94
CA ARG A 148 16.43 12.46 -6.07
C ARG A 148 17.39 11.33 -6.38
N VAL A 149 17.16 10.20 -5.71
CA VAL A 149 17.96 8.99 -5.87
C VAL A 149 16.95 7.93 -6.28
N SER A 150 17.15 7.32 -7.44
CA SER A 150 16.17 6.40 -8.03
C SER A 150 16.62 4.94 -7.96
N GLY A 151 15.65 4.02 -7.96
CA GLY A 151 15.97 2.61 -7.91
C GLY A 151 15.11 1.82 -8.89
N TYR A 152 15.73 0.88 -9.60
CA TYR A 152 15.01 -0.08 -10.43
C TYR A 152 15.34 -1.42 -9.80
N LEU A 153 14.52 -1.83 -8.83
CA LEU A 153 14.90 -2.86 -7.87
C LEU A 153 13.72 -3.73 -7.46
N PRO A 154 13.96 -5.05 -7.35
CA PRO A 154 13.00 -5.99 -6.76
C PRO A 154 13.15 -6.00 -5.25
N ASN A 155 12.41 -6.86 -4.58
CA ASN A 155 12.31 -6.82 -3.14
C ASN A 155 13.48 -7.59 -2.55
N ILE A 156 14.62 -6.90 -2.46
CA ILE A 156 15.87 -7.49 -2.02
C ILE A 156 16.47 -6.61 -0.93
N PRO A 157 17.38 -7.16 -0.12
CA PRO A 157 17.90 -6.36 0.99
C PRO A 157 18.66 -5.12 0.52
N GLN A 158 19.26 -5.18 -0.66
CA GLN A 158 19.95 -4.01 -1.20
C GLN A 158 19.03 -2.81 -1.36
N ALA A 159 17.76 -3.06 -1.67
CA ALA A 159 16.80 -1.97 -1.83
C ALA A 159 16.56 -1.25 -0.51
N VAL A 160 16.52 -2.00 0.58
CA VAL A 160 16.34 -1.39 1.89
C VAL A 160 17.57 -0.58 2.27
N VAL A 161 18.75 -1.15 2.05
CA VAL A 161 19.99 -0.47 2.36
C VAL A 161 20.06 0.84 1.57
N ALA A 162 19.69 0.79 0.29
CA ALA A 162 19.74 1.98 -0.56
C ALA A 162 18.75 3.05 -0.12
N LEU A 163 17.53 2.63 0.21
CA LEU A 163 16.53 3.59 0.66
C LEU A 163 16.99 4.25 1.96
N LEU A 164 17.46 3.46 2.92
CA LEU A 164 17.90 4.04 4.20
C LEU A 164 19.11 4.96 4.03
N ALA A 165 20.04 4.57 3.17
CA ALA A 165 21.23 5.39 2.91
C ALA A 165 20.83 6.71 2.27
N THR A 166 19.86 6.63 1.36
CA THR A 166 19.30 7.83 0.73
C THR A 166 18.68 8.76 1.78
N ALA A 167 17.84 8.19 2.64
CA ALA A 167 17.20 8.99 3.69
C ALA A 167 18.26 9.57 4.65
N ALA A 168 19.31 8.80 4.91
CA ALA A 168 20.39 9.24 5.81
C ALA A 168 21.08 10.52 5.29
N VAL A 169 21.16 10.68 3.98
CA VAL A 169 21.81 11.85 3.40
C VAL A 169 20.80 12.93 3.04
N GLY A 170 19.53 12.69 3.33
CA GLY A 170 18.49 13.64 2.96
C GLY A 170 18.13 13.59 1.48
N GLY A 171 18.60 12.56 0.79
CA GLY A 171 18.19 12.35 -0.59
C GLY A 171 16.75 11.90 -0.65
N VAL A 172 16.11 12.07 -1.81
CA VAL A 172 14.71 11.77 -1.95
C VAL A 172 14.57 10.49 -2.77
N TRP A 173 14.05 9.43 -2.13
CA TRP A 173 13.99 8.11 -2.76
C TRP A 173 12.86 8.02 -3.75
N THR A 174 13.09 7.32 -4.86
CA THR A 174 11.99 7.00 -5.74
C THR A 174 12.34 5.70 -6.47
N SER A 175 11.37 4.83 -6.67
CA SER A 175 11.72 3.55 -7.26
C SER A 175 10.60 2.90 -8.08
N CYS A 176 11.00 2.01 -8.98
CA CYS A 176 10.07 1.13 -9.69
C CYS A 176 10.61 -0.28 -9.60
N ALA A 177 9.72 -1.27 -9.63
CA ALA A 177 10.15 -2.68 -9.67
C ALA A 177 10.54 -3.05 -11.11
N PRO A 178 11.42 -4.05 -11.27
CA PRO A 178 11.91 -4.38 -12.62
C PRO A 178 10.94 -5.18 -13.50
N ASP A 179 9.71 -5.40 -13.04
CA ASP A 179 8.69 -5.88 -13.94
C ASP A 179 8.00 -4.73 -14.69
N PHE A 180 8.36 -3.50 -14.36
CA PHE A 180 7.91 -2.34 -15.14
C PHE A 180 8.73 -2.22 -16.41
N GLY A 181 8.07 -1.96 -17.53
CA GLY A 181 8.77 -1.69 -18.78
C GLY A 181 9.38 -0.30 -18.80
N ALA A 182 10.24 -0.04 -19.78
CA ALA A 182 11.02 1.21 -19.78
C ALA A 182 10.16 2.46 -19.92
N ARG A 183 9.06 2.39 -20.67
CA ARG A 183 8.23 3.58 -20.83
C ARG A 183 7.56 3.92 -19.49
N SER A 184 7.12 2.90 -18.76
CA SER A 184 6.49 3.12 -17.45
C SER A 184 7.47 3.74 -16.47
N VAL A 185 8.70 3.23 -16.48
CA VAL A 185 9.74 3.76 -15.59
C VAL A 185 10.07 5.22 -15.93
N LEU A 186 10.27 5.48 -17.22
CA LEU A 186 10.68 6.82 -17.65
C LEU A 186 9.58 7.86 -17.46
N ASP A 187 8.32 7.46 -17.64
CA ASP A 187 7.20 8.36 -17.42
C ASP A 187 7.19 8.83 -15.96
N ARG A 188 7.74 8.00 -15.09
CA ARG A 188 7.81 8.32 -13.67
C ARG A 188 9.10 9.08 -13.36
N PHE A 189 10.25 8.47 -13.61
CA PHE A 189 11.54 9.06 -13.24
C PHE A 189 11.88 10.36 -13.98
N GLN A 190 11.53 10.45 -15.26
CA GLN A 190 11.88 11.66 -16.00
C GLN A 190 11.28 12.92 -15.38
N GLN A 191 10.14 12.78 -14.72
CA GLN A 191 9.51 13.92 -14.08
C GLN A 191 10.34 14.51 -12.93
N VAL A 192 11.15 13.69 -12.28
CA VAL A 192 11.82 14.15 -11.05
C VAL A 192 13.34 14.28 -11.18
N GLU A 193 13.87 13.88 -12.33
CA GLU A 193 15.27 14.13 -12.68
C GLU A 193 16.27 13.66 -11.62
N PRO A 194 16.34 12.35 -11.41
CA PRO A 194 17.25 11.80 -10.41
C PRO A 194 18.71 11.97 -10.80
N VAL A 195 19.59 12.01 -9.81
CA VAL A 195 21.03 12.10 -10.11
C VAL A 195 21.75 10.78 -9.87
N VAL A 196 21.07 9.84 -9.23
CA VAL A 196 21.63 8.51 -9.00
C VAL A 196 20.58 7.46 -9.35
N LEU A 197 21.04 6.33 -9.88
CA LEU A 197 20.19 5.16 -10.12
C LEU A 197 20.84 3.90 -9.54
N PHE A 198 20.12 3.23 -8.62
CA PHE A 198 20.49 1.88 -8.20
C PHE A 198 19.70 0.92 -9.07
N THR A 199 20.37 -0.11 -9.61
CA THR A 199 19.64 -1.02 -10.47
C THR A 199 20.21 -2.43 -10.45
N VAL A 200 19.34 -3.42 -10.61
CA VAL A 200 19.80 -4.78 -10.83
C VAL A 200 20.08 -5.01 -12.32
N ASP A 201 20.61 -6.19 -12.63
CA ASP A 201 20.78 -6.60 -14.03
C ASP A 201 19.63 -7.50 -14.49
N GLY A 202 18.71 -7.79 -13.56
CA GLY A 202 17.58 -8.66 -13.87
C GLY A 202 17.11 -9.32 -12.58
N TYR A 203 16.21 -10.28 -12.69
CA TYR A 203 15.71 -11.00 -11.53
C TYR A 203 15.17 -12.36 -11.96
N ARG A 204 14.80 -13.16 -10.97
CA ARG A 204 14.18 -14.45 -11.23
CA ARG A 204 14.18 -14.45 -11.23
C ARG A 204 12.76 -14.45 -10.67
N TYR A 205 11.84 -15.07 -11.39
CA TYR A 205 10.46 -15.12 -10.99
C TYR A 205 9.79 -16.33 -11.63
N GLY A 206 9.04 -17.08 -10.83
CA GLY A 206 8.38 -18.26 -11.38
C GLY A 206 9.39 -19.27 -11.88
N GLY A 207 10.58 -19.26 -11.31
CA GLY A 207 11.63 -20.18 -11.67
C GLY A 207 12.31 -19.83 -12.98
N LYS A 208 11.97 -18.67 -13.53
CA LYS A 208 12.56 -18.22 -14.80
C LYS A 208 13.43 -16.98 -14.61
N GLU A 209 14.45 -16.85 -15.45
CA GLU A 209 15.34 -15.70 -15.40
C GLU A 209 14.83 -14.57 -16.26
N HIS A 210 14.86 -13.35 -15.73
CA HIS A 210 14.39 -12.19 -16.47
C HIS A 210 15.53 -11.19 -16.61
N ASP A 211 16.15 -11.19 -17.78
CA ASP A 211 17.32 -10.36 -18.04
C ASP A 211 16.84 -8.93 -18.21
N ARG A 212 17.50 -7.97 -17.58
CA ARG A 212 17.13 -6.56 -17.72
C ARG A 212 18.27 -5.66 -18.19
N ARG A 213 19.35 -6.26 -18.69
CA ARG A 213 20.50 -5.46 -19.13
C ARG A 213 20.17 -4.42 -20.21
N ASP A 214 19.35 -4.79 -21.19
CA ASP A 214 19.00 -3.84 -22.25
C ASP A 214 18.11 -2.73 -21.70
N THR A 215 17.23 -3.09 -20.76
CA THR A 215 16.38 -2.08 -20.15
C THR A 215 17.22 -1.08 -19.37
N VAL A 216 18.18 -1.58 -18.61
CA VAL A 216 19.09 -0.68 -17.88
C VAL A 216 19.85 0.25 -18.84
N ALA A 217 20.33 -0.31 -19.95
CA ALA A 217 21.02 0.51 -20.93
C ALA A 217 20.09 1.62 -21.46
N GLU A 218 18.84 1.26 -21.71
CA GLU A 218 17.88 2.24 -22.21
C GLU A 218 17.51 3.29 -21.17
N LEU A 219 17.31 2.86 -19.93
CA LEU A 219 17.05 3.82 -18.85
C LEU A 219 18.19 4.84 -18.74
N ARG A 220 19.42 4.35 -18.75
CA ARG A 220 20.57 5.24 -18.60
C ARG A 220 20.61 6.27 -19.72
N ARG A 221 20.37 5.81 -20.94
CA ARG A 221 20.43 6.72 -22.09
C ARG A 221 19.32 7.78 -22.03
N GLU A 222 18.16 7.39 -21.51
CA GLU A 222 17.02 8.30 -21.49
C GLU A 222 16.87 9.10 -20.19
N LEU A 223 17.83 8.96 -19.29
CA LEU A 223 17.86 9.75 -18.05
C LEU A 223 19.19 10.51 -17.97
N PRO A 224 19.31 11.57 -18.77
CA PRO A 224 20.59 12.28 -18.84
C PRO A 224 20.97 13.04 -17.56
N THR A 225 20.05 13.24 -16.62
CA THR A 225 20.42 13.87 -15.35
C THR A 225 21.22 12.94 -14.43
N LEU A 226 21.22 11.65 -14.72
CA LEU A 226 21.97 10.71 -13.89
C LEU A 226 23.46 11.03 -13.89
N ARG A 227 24.07 11.02 -12.71
CA ARG A 227 25.53 11.21 -12.61
C ARG A 227 26.24 9.97 -12.12
N ALA A 228 25.50 9.08 -11.47
CA ALA A 228 26.08 7.82 -11.01
C ALA A 228 25.06 6.71 -11.09
N VAL A 229 25.52 5.53 -11.48
CA VAL A 229 24.68 4.34 -11.55
C VAL A 229 25.36 3.23 -10.77
N ILE A 230 24.61 2.62 -9.87
CA ILE A 230 25.11 1.58 -8.98
C ILE A 230 24.50 0.23 -9.35
N HIS A 231 25.36 -0.71 -9.70
CA HIS A 231 24.97 -1.98 -10.28
C HIS A 231 24.90 -3.06 -9.20
N ILE A 232 23.76 -3.73 -9.11
CA ILE A 232 23.58 -4.85 -8.18
C ILE A 232 23.46 -6.13 -9.01
N PRO A 233 24.48 -6.99 -8.97
CA PRO A 233 24.55 -8.13 -9.89
C PRO A 233 23.70 -9.33 -9.44
N LEU A 234 22.39 -9.12 -9.39
CA LEU A 234 21.47 -10.15 -8.95
C LEU A 234 21.58 -11.42 -9.80
N LEU A 235 21.76 -11.25 -11.11
CA LEU A 235 21.92 -12.38 -12.02
C LEU A 235 23.39 -12.70 -12.26
N GLY A 236 24.27 -12.00 -11.55
CA GLY A 236 25.70 -12.26 -11.61
C GLY A 236 26.44 -11.71 -12.82
N THR A 237 25.85 -10.78 -13.55
CA THR A 237 26.55 -10.19 -14.70
C THR A 237 27.48 -9.05 -14.28
N GLU A 238 28.43 -8.71 -15.15
CA GLU A 238 29.40 -7.67 -14.84
C GLU A 238 28.78 -6.27 -14.88
N ALA A 239 29.25 -5.37 -14.02
CA ALA A 239 28.80 -3.99 -14.03
C ALA A 239 29.08 -3.37 -15.39
N PRO A 240 28.07 -2.72 -16.00
CA PRO A 240 28.28 -2.03 -17.28
C PRO A 240 29.30 -0.90 -17.15
N ASP A 241 29.92 -0.52 -18.27
CA ASP A 241 30.83 0.62 -18.27
C ASP A 241 30.15 1.83 -17.66
N GLY A 242 30.89 2.56 -16.82
CA GLY A 242 30.37 3.80 -16.24
C GLY A 242 29.49 3.59 -15.01
N THR A 243 29.45 2.37 -14.49
CA THR A 243 28.67 2.08 -13.28
C THR A 243 29.56 1.64 -12.12
N LEU A 244 29.02 1.70 -10.90
CA LEU A 244 29.73 1.28 -9.70
C LEU A 244 29.17 -0.04 -9.18
N ASP A 245 30.04 -0.92 -8.69
N ASP A 245 30.06 -0.92 -8.71
CA ASP A 245 29.61 -2.22 -8.19
CA ASP A 245 29.65 -2.19 -8.13
C ASP A 245 29.16 -2.14 -6.73
C ASP A 245 29.09 -1.98 -6.73
N TRP A 246 27.93 -2.57 -6.47
CA TRP A 246 27.30 -2.46 -5.15
C TRP A 246 28.25 -2.80 -3.99
N GLU A 247 28.89 -3.96 -4.08
CA GLU A 247 29.68 -4.45 -2.94
C GLU A 247 30.85 -3.53 -2.59
N THR A 248 31.34 -2.77 -3.56
CA THR A 248 32.47 -1.88 -3.31
C THR A 248 32.06 -0.66 -2.48
N LEU A 249 30.75 -0.40 -2.41
CA LEU A 249 30.26 0.81 -1.74
C LEU A 249 29.77 0.56 -0.31
N THR A 250 29.59 -0.71 0.03
CA THR A 250 28.93 -1.06 1.29
C THR A 250 29.87 -1.69 2.31
N ALA A 251 31.17 -1.67 2.02
CA ALA A 251 32.14 -2.46 2.79
C ALA A 251 32.88 -1.67 3.88
N ALA A 252 32.64 -0.37 3.95
CA ALA A 252 33.37 0.48 4.88
C ALA A 252 32.80 0.38 6.29
N ASP A 253 33.61 0.73 7.28
CA ASP A 253 33.14 0.77 8.65
C ASP A 253 33.37 2.14 9.27
N ALA A 254 32.67 3.16 8.77
CA ALA A 254 32.82 4.49 9.38
C ALA A 254 31.60 4.88 10.19
N GLU A 255 31.75 5.92 10.99
CA GLU A 255 30.70 6.36 11.89
C GLU A 255 29.46 6.75 11.10
N PRO A 256 28.29 6.22 11.52
CA PRO A 256 27.02 6.64 10.91
C PRO A 256 26.82 8.13 11.06
N VAL A 257 26.33 8.76 10.00
CA VAL A 257 25.99 10.17 9.98
C VAL A 257 24.59 10.31 9.39
N TYR A 258 23.73 11.07 10.05
CA TYR A 258 22.37 11.28 9.57
C TYR A 258 22.08 12.77 9.43
N GLU A 259 21.67 13.16 8.23
CA GLU A 259 21.32 14.54 7.94
C GLU A 259 20.05 14.92 8.70
N GLN A 260 20.14 15.93 9.58
CA GLN A 260 18.97 16.35 10.33
C GLN A 260 18.17 17.33 9.47
N VAL A 261 17.02 16.89 8.98
CA VAL A 261 16.23 17.67 8.03
C VAL A 261 14.95 18.14 8.68
N PRO A 262 14.34 19.20 8.12
CA PRO A 262 13.03 19.67 8.58
C PRO A 262 11.97 18.59 8.50
N PHE A 263 10.96 18.72 9.35
CA PHE A 263 9.84 17.76 9.35
C PHE A 263 9.28 17.53 7.94
N ASP A 264 9.07 18.61 7.19
CA ASP A 264 8.49 18.52 5.83
C ASP A 264 9.47 18.07 4.75
N HIS A 265 10.72 17.81 5.11
CA HIS A 265 11.73 17.48 4.09
C HIS A 265 11.31 16.22 3.34
N PRO A 266 11.35 16.25 2.00
CA PRO A 266 10.85 15.09 1.25
C PRO A 266 11.65 13.82 1.53
N LEU A 267 10.93 12.74 1.79
CA LEU A 267 11.54 11.43 1.99
C LEU A 267 11.52 10.63 0.68
N TRP A 268 10.36 10.61 0.03
CA TRP A 268 10.26 9.86 -1.22
C TRP A 268 9.19 10.38 -2.15
N VAL A 269 9.30 9.99 -3.41
CA VAL A 269 8.27 10.29 -4.40
C VAL A 269 7.65 8.98 -4.85
N LEU A 270 6.36 8.84 -4.61
CA LEU A 270 5.59 7.67 -5.03
C LEU A 270 4.79 8.09 -6.24
N TYR A 271 4.29 7.13 -7.00
CA TYR A 271 3.54 7.46 -8.21
C TYR A 271 2.12 6.91 -8.18
N SER A 272 1.17 7.78 -8.48
CA SER A 272 -0.24 7.41 -8.50
CA SER A 272 -0.22 7.39 -8.48
C SER A 272 -0.49 6.34 -9.54
N SER A 273 -1.52 5.53 -9.30
CA SER A 273 -1.94 4.50 -10.25
C SER A 273 -2.91 5.07 -11.28
N GLY A 274 -3.20 6.38 -11.17
CA GLY A 274 -4.05 7.04 -12.15
C GLY A 274 -3.52 6.85 -13.56
N THR A 275 -4.44 6.68 -14.52
CA THR A 275 -4.05 6.33 -15.89
C THR A 275 -4.17 7.50 -16.88
N THR A 276 -4.48 8.69 -16.37
N THR A 276 -4.45 8.69 -16.36
CA THR A 276 -4.58 9.86 -17.24
CA THR A 276 -4.57 9.87 -17.21
C THR A 276 -3.32 10.72 -17.13
C THR A 276 -3.32 10.74 -17.13
N GLY A 277 -2.80 11.12 -18.29
CA GLY A 277 -1.61 11.95 -18.34
C GLY A 277 -0.41 11.24 -17.73
N LEU A 278 0.57 12.01 -17.30
CA LEU A 278 1.71 11.43 -16.62
C LEU A 278 1.24 10.95 -15.24
N PRO A 279 1.87 9.90 -14.72
CA PRO A 279 1.53 9.47 -13.38
C PRO A 279 1.82 10.60 -12.41
N LYS A 280 0.91 10.83 -11.47
CA LYS A 280 1.14 11.86 -10.47
C LYS A 280 2.32 11.49 -9.56
N ALA A 281 3.26 12.41 -9.42
CA ALA A 281 4.45 12.17 -8.61
C ALA A 281 4.21 12.75 -7.22
N ILE A 282 3.91 11.89 -6.27
CA ILE A 282 3.41 12.29 -4.96
C ILE A 282 4.57 12.38 -3.97
N VAL A 283 4.80 13.56 -3.40
CA VAL A 283 5.94 13.75 -2.50
C VAL A 283 5.48 13.68 -1.05
N GLN A 284 6.09 12.81 -0.26
CA GLN A 284 5.77 12.72 1.17
C GLN A 284 7.02 12.99 2.01
N SER A 285 6.83 13.50 3.22
CA SER A 285 7.94 13.99 4.02
C SER A 285 8.53 12.96 4.96
N GLN A 286 9.78 13.20 5.35
CA GLN A 286 10.44 12.34 6.34
C GLN A 286 9.64 12.32 7.65
N GLY A 287 9.23 13.49 8.11
CA GLY A 287 8.52 13.57 9.37
C GLY A 287 7.13 12.98 9.31
N GLY A 288 6.41 13.27 8.23
CA GLY A 288 5.04 12.81 8.06
C GLY A 288 4.96 11.29 7.99
N ILE A 289 5.85 10.69 7.20
CA ILE A 289 5.91 9.23 7.07
C ILE A 289 6.36 8.64 8.41
N LEU A 290 7.36 9.25 9.03
CA LEU A 290 7.86 8.74 10.31
C LEU A 290 6.73 8.60 11.33
N VAL A 291 5.97 9.67 11.57
CA VAL A 291 4.94 9.60 12.63
C VAL A 291 3.73 8.76 12.22
N GLU A 292 3.34 8.83 10.95
CA GLU A 292 2.17 8.08 10.51
C GLU A 292 2.45 6.58 10.49
N HIS A 293 3.63 6.19 10.03
CA HIS A 293 3.96 4.78 9.98
C HIS A 293 4.18 4.21 11.40
N LEU A 294 4.78 4.99 12.28
CA LEU A 294 4.86 4.58 13.69
C LEU A 294 3.44 4.33 14.25
N LYS A 295 2.54 5.28 14.04
CA LYS A 295 1.17 5.12 14.50
C LYS A 295 0.52 3.83 13.95
N GLN A 296 0.60 3.64 12.64
CA GLN A 296 -0.03 2.48 12.03
C GLN A 296 0.61 1.17 12.49
N LEU A 297 1.93 1.12 12.51
CA LEU A 297 2.66 -0.10 12.79
C LEU A 297 2.56 -0.50 14.27
N GLY A 298 2.83 0.45 15.17
CA GLY A 298 2.91 0.17 16.59
C GLY A 298 1.57 0.15 17.30
N LEU A 299 0.59 0.89 16.78
CA LEU A 299 -0.72 0.94 17.42
C LEU A 299 -1.74 0.10 16.65
N HIS A 300 -1.92 0.40 15.36
CA HIS A 300 -2.93 -0.32 14.59
C HIS A 300 -2.53 -1.76 14.24
N CYS A 301 -1.24 -2.01 14.01
CA CYS A 301 -0.78 -3.37 13.70
C CYS A 301 -0.16 -4.11 14.89
N ASP A 302 -0.02 -3.40 16.01
CA ASP A 302 0.49 -3.96 17.27
C ASP A 302 1.95 -4.44 17.23
N LEU A 303 2.74 -3.86 16.33
CA LEU A 303 4.10 -4.34 16.12
C LEU A 303 5.07 -3.69 17.08
N GLY A 304 6.07 -4.44 17.53
CA GLY A 304 7.10 -3.95 18.43
C GLY A 304 8.44 -4.64 18.21
N PRO A 305 9.41 -4.35 19.08
CA PRO A 305 10.78 -4.89 18.93
C PRO A 305 10.79 -6.41 18.91
N GLY A 306 11.45 -7.00 17.93
CA GLY A 306 11.55 -8.45 17.86
C GLY A 306 10.45 -9.15 17.07
N ASP A 307 9.33 -8.47 16.83
CA ASP A 307 8.32 -9.06 15.95
C ASP A 307 8.95 -9.27 14.58
N ARG A 308 8.27 -10.01 13.71
CA ARG A 308 8.78 -10.28 12.38
C ARG A 308 7.66 -10.05 11.38
N PHE A 309 7.83 -9.02 10.54
CA PHE A 309 6.77 -8.48 9.69
C PHE A 309 7.09 -8.93 8.27
N PHE A 310 6.20 -9.73 7.67
CA PHE A 310 6.34 -10.17 6.28
C PHE A 310 5.13 -9.73 5.48
N TRP A 311 5.32 -8.82 4.53
CA TRP A 311 4.25 -8.53 3.59
C TRP A 311 4.69 -9.00 2.22
N TYR A 312 3.86 -9.82 1.57
CA TYR A 312 4.19 -10.23 0.21
C TYR A 312 3.95 -9.05 -0.74
N THR A 313 5.03 -8.51 -1.30
CA THR A 313 4.89 -7.30 -2.07
C THR A 313 6.03 -7.05 -3.04
N SER A 314 5.67 -6.49 -4.19
CA SER A 314 6.63 -5.89 -5.10
C SER A 314 7.06 -4.55 -4.50
N THR A 315 8.26 -4.08 -4.85
CA THR A 315 8.69 -2.75 -4.43
C THR A 315 7.84 -1.68 -5.12
N GLY A 316 7.11 -2.07 -6.16
CA GLY A 316 6.28 -1.11 -6.89
C GLY A 316 4.92 -0.85 -6.25
N TRP A 317 4.67 -1.46 -5.10
CA TRP A 317 3.42 -1.24 -4.37
C TRP A 317 3.75 -0.51 -3.05
N MET A 318 2.85 0.35 -2.58
CA MET A 318 3.14 1.11 -1.35
C MET A 318 3.31 0.24 -0.12
N MET A 319 2.86 -1.01 -0.22
N MET A 319 2.85 -1.01 -0.18
CA MET A 319 3.00 -1.93 0.91
CA MET A 319 3.03 -1.87 0.97
C MET A 319 4.48 -2.24 1.18
C MET A 319 4.50 -2.18 1.21
N TRP A 320 5.33 -2.05 0.17
CA TRP A 320 6.78 -2.22 0.36
C TRP A 320 7.31 -1.09 1.24
N ASN A 321 6.85 0.13 0.98
CA ASN A 321 7.29 1.25 1.79
C ASN A 321 6.84 1.08 3.22
N PHE A 322 5.61 0.59 3.39
CA PHE A 322 5.06 0.34 4.73
C PHE A 322 5.86 -0.77 5.45
N LEU A 323 6.21 -1.81 4.70
CA LEU A 323 7.05 -2.89 5.24
C LEU A 323 8.40 -2.38 5.70
N VAL A 324 9.06 -1.60 4.86
CA VAL A 324 10.36 -1.04 5.23
C VAL A 324 10.28 -0.29 6.55
N SER A 325 9.21 0.48 6.74
CA SER A 325 9.03 1.21 8.00
C SER A 325 8.85 0.33 9.24
N GLY A 326 8.66 -0.97 9.05
CA GLY A 326 8.66 -1.89 10.19
C GLY A 326 9.89 -1.70 11.06
N LEU A 327 11.00 -1.32 10.44
CA LEU A 327 12.24 -1.10 11.19
C LEU A 327 12.05 -0.02 12.27
N LEU A 328 11.14 0.93 12.02
CA LEU A 328 10.92 2.06 12.96
C LEU A 328 10.49 1.59 14.35
N THR A 329 9.79 0.45 14.40
CA THR A 329 9.36 -0.11 15.68
C THR A 329 10.32 -1.18 16.22
N GLY A 330 11.51 -1.26 15.65
CA GLY A 330 12.48 -2.29 16.01
C GLY A 330 12.08 -3.69 15.53
N THR A 331 11.20 -3.72 14.54
CA THR A 331 10.64 -4.98 14.06
C THR A 331 11.50 -5.53 12.94
N THR A 332 11.77 -6.83 12.96
CA THR A 332 12.50 -7.49 11.87
C THR A 332 11.58 -7.55 10.66
N ILE A 333 12.11 -7.24 9.48
CA ILE A 333 11.26 -7.31 8.29
C ILE A 333 11.73 -8.42 7.35
N VAL A 334 10.76 -9.06 6.69
CA VAL A 334 11.02 -10.22 5.85
C VAL A 334 10.84 -9.79 4.40
N LEU A 335 11.88 -10.01 3.60
CA LEU A 335 11.91 -9.56 2.21
C LEU A 335 11.91 -10.78 1.30
N TYR A 336 10.90 -10.91 0.44
CA TYR A 336 10.83 -12.06 -0.46
C TYR A 336 10.76 -11.57 -1.91
N ASP A 337 11.74 -12.01 -2.69
CA ASP A 337 11.85 -11.67 -4.10
C ASP A 337 11.46 -12.93 -4.88
N GLY A 338 10.22 -12.99 -5.33
CA GLY A 338 9.77 -14.18 -6.05
C GLY A 338 8.27 -14.25 -6.24
N SER A 339 7.85 -15.34 -6.88
CA SER A 339 6.44 -15.54 -7.21
C SER A 339 5.66 -16.02 -5.99
N PRO A 340 4.35 -15.69 -5.93
CA PRO A 340 3.50 -16.06 -4.80
C PRO A 340 3.19 -17.55 -4.82
N GLY A 341 3.43 -18.21 -5.95
CA GLY A 341 3.05 -19.60 -6.11
C GLY A 341 4.13 -20.50 -6.65
N PHE A 342 5.37 -20.13 -6.40
CA PHE A 342 6.51 -20.92 -6.83
C PHE A 342 7.40 -21.24 -5.64
N PRO A 343 7.81 -22.51 -5.51
CA PRO A 343 7.53 -23.61 -6.44
C PRO A 343 6.12 -24.20 -6.38
N ALA A 344 5.36 -23.87 -5.33
CA ALA A 344 3.99 -24.38 -5.24
C ALA A 344 3.06 -23.30 -4.71
N THR A 345 1.76 -23.57 -4.77
CA THR A 345 0.75 -22.60 -4.37
C THR A 345 1.00 -21.98 -2.99
N ASP A 346 1.50 -22.78 -2.05
CA ASP A 346 1.64 -22.32 -0.68
C ASP A 346 2.94 -21.54 -0.44
N ALA A 347 3.59 -21.09 -1.51
CA ALA A 347 4.90 -20.44 -1.37
C ALA A 347 4.97 -19.33 -0.32
N GLN A 348 3.98 -18.44 -0.29
CA GLN A 348 4.03 -17.34 0.69
C GLN A 348 3.99 -17.88 2.11
N TRP A 349 3.20 -18.93 2.31
CA TRP A 349 3.10 -19.54 3.64
C TRP A 349 4.42 -20.20 4.07
N ARG A 350 5.12 -20.80 3.11
CA ARG A 350 6.44 -21.40 3.40
C ARG A 350 7.44 -20.33 3.80
N ILE A 351 7.38 -19.17 3.17
CA ILE A 351 8.25 -18.06 3.57
C ILE A 351 7.92 -17.64 5.01
N ALA A 352 6.63 -17.47 5.31
CA ALA A 352 6.20 -17.10 6.67
C ALA A 352 6.71 -18.12 7.68
N GLU A 353 6.63 -19.40 7.32
CA GLU A 353 7.13 -20.46 8.19
C GLU A 353 8.63 -20.33 8.40
N ARG A 354 9.39 -20.24 7.31
CA ARG A 354 10.84 -20.36 7.37
C ARG A 354 11.48 -19.13 7.96
N THR A 355 10.73 -18.03 8.03
CA THR A 355 11.26 -16.80 8.61
C THR A 355 10.68 -16.50 9.98
N GLY A 356 9.79 -17.36 10.47
CA GLY A 356 9.17 -17.15 11.77
C GLY A 356 8.34 -15.87 11.86
N ALA A 357 7.72 -15.48 10.75
CA ALA A 357 6.91 -14.27 10.71
C ALA A 357 5.85 -14.26 11.79
N THR A 358 5.61 -13.11 12.41
CA THR A 358 4.57 -12.98 13.42
C THR A 358 3.35 -12.24 12.87
N LEU A 359 3.59 -11.39 11.88
CA LEU A 359 2.52 -10.72 11.13
C LEU A 359 2.79 -10.99 9.65
N PHE A 360 1.84 -11.66 9.00
CA PHE A 360 1.95 -12.02 7.58
C PHE A 360 0.87 -11.28 6.82
N GLY A 361 1.29 -10.41 5.90
CA GLY A 361 0.36 -9.62 5.10
C GLY A 361 0.37 -10.11 3.68
N THR A 362 -0.83 -10.24 3.12
CA THR A 362 -0.99 -10.83 1.80
C THR A 362 -2.26 -10.29 1.15
N SER A 363 -2.73 -10.95 0.10
CA SER A 363 -3.97 -10.50 -0.54
C SER A 363 -5.11 -11.46 -0.24
N ALA A 364 -6.33 -10.95 -0.24
CA ALA A 364 -7.49 -11.83 -0.06
C ALA A 364 -7.54 -12.85 -1.18
N ALA A 365 -7.17 -12.43 -2.39
CA ALA A 365 -7.13 -13.36 -3.52
C ALA A 365 -6.21 -14.55 -3.28
N TYR A 366 -5.04 -14.31 -2.70
CA TYR A 366 -4.09 -15.38 -2.43
C TYR A 366 -4.66 -16.35 -1.39
N VAL A 367 -5.27 -15.81 -0.34
CA VAL A 367 -5.88 -16.66 0.69
C VAL A 367 -6.93 -17.57 0.06
N MET A 368 -7.82 -16.98 -0.73
CA MET A 368 -8.89 -17.75 -1.39
C MET A 368 -8.32 -18.80 -2.35
N ALA A 369 -7.26 -18.46 -3.06
CA ALA A 369 -6.65 -19.38 -4.00
C ALA A 369 -6.04 -20.57 -3.26
N CYS A 370 -5.45 -20.31 -2.10
CA CYS A 370 -4.89 -21.38 -1.29
C CYS A 370 -5.99 -22.33 -0.83
N ARG A 371 -7.08 -21.76 -0.34
CA ARG A 371 -8.22 -22.56 0.13
C ARG A 371 -8.76 -23.39 -1.03
N LYS A 372 -8.90 -22.77 -2.20
CA LYS A 372 -9.42 -23.46 -3.36
CA LYS A 372 -9.43 -23.47 -3.35
C LYS A 372 -8.55 -24.64 -3.75
N ALA A 373 -7.23 -24.47 -3.63
CA ALA A 373 -6.28 -25.49 -4.04
C ALA A 373 -6.08 -26.60 -2.99
N GLY A 374 -6.77 -26.49 -1.86
CA GLY A 374 -6.64 -27.52 -0.83
C GLY A 374 -5.35 -27.45 -0.01
N VAL A 375 -4.78 -26.26 0.08
CA VAL A 375 -3.63 -26.04 0.95
C VAL A 375 -4.14 -25.94 2.37
N HIS A 376 -3.37 -26.48 3.33
CA HIS A 376 -3.67 -26.36 4.75
C HIS A 376 -2.42 -25.86 5.47
N PRO A 377 -2.17 -24.55 5.39
CA PRO A 377 -0.88 -24.00 5.81
C PRO A 377 -0.59 -24.15 7.30
N ALA A 378 -1.58 -23.93 8.17
CA ALA A 378 -1.31 -24.04 9.61
C ALA A 378 -1.17 -25.48 10.04
N ARG A 379 -1.85 -26.37 9.31
CA ARG A 379 -1.77 -27.79 9.62
C ARG A 379 -0.44 -28.36 9.19
N ASP A 380 0.02 -27.98 8.01
CA ASP A 380 1.17 -28.65 7.40
C ASP A 380 2.51 -27.96 7.59
N LEU A 381 2.48 -26.69 7.97
CA LEU A 381 3.71 -25.95 8.24
C LEU A 381 3.73 -25.56 9.71
N ASP A 382 4.90 -25.19 10.20
CA ASP A 382 4.97 -24.66 11.56
C ASP A 382 4.72 -23.16 11.52
N LEU A 383 3.46 -22.77 11.72
CA LEU A 383 3.10 -21.36 11.70
C LEU A 383 2.76 -20.89 13.11
N SER A 384 3.38 -21.53 14.10
CA SER A 384 3.14 -21.19 15.50
C SER A 384 3.53 -19.75 15.84
N ALA A 385 4.45 -19.17 15.07
CA ALA A 385 4.87 -17.80 15.33
C ALA A 385 3.83 -16.76 14.87
N ILE A 386 3.00 -17.13 13.89
CA ILE A 386 2.03 -16.17 13.37
C ILE A 386 0.98 -15.75 14.40
N GLN A 387 0.84 -14.43 14.60
CA GLN A 387 -0.17 -13.90 15.51
CA GLN A 387 -0.15 -13.89 15.51
C GLN A 387 -1.26 -13.20 14.72
N CYS A 388 -0.91 -12.73 13.52
CA CYS A 388 -1.86 -11.99 12.72
C CYS A 388 -1.65 -12.27 11.25
N VAL A 389 -2.73 -12.48 10.51
CA VAL A 389 -2.68 -12.49 9.05
C VAL A 389 -3.46 -11.29 8.56
N ALA A 390 -2.85 -10.47 7.71
CA ALA A 390 -3.50 -9.26 7.24
C ALA A 390 -3.67 -9.31 5.73
N THR A 391 -4.76 -8.71 5.24
CA THR A 391 -4.93 -8.54 3.80
C THR A 391 -5.19 -7.06 3.53
N THR A 392 -4.80 -6.58 2.36
CA THR A 392 -5.12 -5.21 1.98
C THR A 392 -5.81 -5.28 0.63
N GLY A 393 -6.56 -4.24 0.26
CA GLY A 393 -7.32 -4.28 -0.97
C GLY A 393 -8.69 -4.91 -0.79
N SER A 394 -9.10 -5.76 -1.74
CA SER A 394 -10.42 -6.37 -1.64
C SER A 394 -10.56 -7.17 -0.36
N PRO A 395 -11.73 -7.06 0.30
CA PRO A 395 -11.94 -7.66 1.62
C PRO A 395 -11.99 -9.18 1.49
N LEU A 396 -11.59 -9.87 2.55
CA LEU A 396 -11.66 -11.32 2.57
C LEU A 396 -13.13 -11.69 2.80
N PRO A 397 -13.70 -12.56 1.93
CA PRO A 397 -15.09 -12.95 2.12
C PRO A 397 -15.26 -13.82 3.35
N PRO A 398 -16.49 -13.92 3.87
CA PRO A 398 -16.71 -14.63 5.15
C PRO A 398 -16.28 -16.09 5.11
N ASP A 399 -16.45 -16.78 3.97
CA ASP A 399 -16.02 -18.17 3.92
C ASP A 399 -14.50 -18.25 3.96
N GLY A 400 -13.84 -17.25 3.39
CA GLY A 400 -12.38 -17.18 3.43
C GLY A 400 -11.88 -16.87 4.84
N PHE A 401 -12.55 -15.94 5.50
CA PHE A 401 -12.20 -15.57 6.87
C PHE A 401 -12.33 -16.78 7.79
N ARG A 402 -13.47 -17.46 7.69
CA ARG A 402 -13.73 -18.66 8.50
C ARG A 402 -12.68 -19.73 8.27
N TRP A 403 -12.35 -19.96 7.00
CA TRP A 403 -11.36 -20.98 6.66
C TRP A 403 -10.04 -20.65 7.32
N LEU A 404 -9.62 -19.41 7.18
CA LEU A 404 -8.33 -18.97 7.68
C LEU A 404 -8.31 -19.09 9.20
N HIS A 405 -9.35 -18.55 9.85
CA HIS A 405 -9.41 -18.60 11.30
C HIS A 405 -9.49 -20.03 11.83
N ASP A 406 -10.38 -20.83 11.24
CA ASP A 406 -10.58 -22.21 11.69
C ASP A 406 -9.34 -23.05 11.42
N GLU A 407 -8.63 -22.76 10.35
CA GLU A 407 -7.40 -23.51 10.04
C GLU A 407 -6.38 -23.35 11.17
N PHE A 408 -6.29 -22.16 11.74
CA PHE A 408 -5.42 -21.94 12.89
C PHE A 408 -6.09 -22.44 14.19
N ALA A 409 -7.38 -22.20 14.31
CA ALA A 409 -8.10 -22.51 15.55
C ALA A 409 -8.14 -24.01 15.81
N ALA A 410 -8.17 -24.82 14.75
CA ALA A 410 -8.25 -26.25 14.91
C ALA A 410 -6.99 -26.76 15.57
N GLY A 411 -5.90 -26.01 15.41
CA GLY A 411 -4.62 -26.40 15.99
C GLY A 411 -4.37 -25.69 17.30
N GLY A 412 -5.43 -25.10 17.86
CA GLY A 412 -5.33 -24.42 19.15
C GLY A 412 -4.80 -22.99 19.13
N ALA A 413 -4.72 -22.36 17.96
CA ALA A 413 -4.23 -20.98 17.88
C ALA A 413 -5.35 -19.98 17.56
N ASP A 414 -5.43 -18.88 18.31
CA ASP A 414 -6.44 -17.85 18.02
C ASP A 414 -5.83 -16.71 17.21
N LEU A 415 -6.13 -16.72 15.93
CA LEU A 415 -5.50 -15.80 14.98
C LEU A 415 -6.25 -14.49 14.92
N TRP A 416 -5.52 -13.36 14.87
CA TRP A 416 -6.15 -12.11 14.51
C TRP A 416 -6.06 -11.95 13.00
N ILE A 417 -7.21 -11.86 12.34
CA ILE A 417 -7.23 -11.60 10.90
C ILE A 417 -7.57 -10.14 10.69
N ALA A 418 -6.60 -9.42 10.14
CA ALA A 418 -6.71 -7.98 9.96
C ALA A 418 -7.00 -7.59 8.52
N SER A 419 -7.83 -6.58 8.36
CA SER A 419 -8.14 -6.04 7.05
CA SER A 419 -8.15 -6.03 7.05
C SER A 419 -7.66 -4.59 7.01
N VAL A 420 -6.73 -4.29 6.12
CA VAL A 420 -6.29 -2.90 6.00
C VAL A 420 -6.63 -2.36 4.63
N SER A 421 -6.44 -1.05 4.45
CA SER A 421 -6.75 -0.44 3.17
C SER A 421 -5.73 0.66 2.87
N GLY A 422 -4.49 0.25 2.63
CA GLY A 422 -3.41 1.19 2.34
C GLY A 422 -3.53 1.81 0.95
N GLY A 423 -3.11 3.06 0.82
CA GLY A 423 -3.20 3.77 -0.45
C GLY A 423 -1.94 4.59 -0.67
N THR A 424 -1.58 4.84 -1.91
CA THR A 424 -0.34 5.54 -2.23
C THR A 424 -0.40 6.99 -1.81
N ASP A 425 -1.58 7.59 -1.88
CA ASP A 425 -1.73 9.04 -1.69
C ASP A 425 -1.17 9.55 -0.37
N VAL A 426 -1.39 8.81 0.72
CA VAL A 426 -0.83 9.21 2.01
C VAL A 426 0.07 8.11 2.56
N CYS A 427 0.36 7.11 1.70
CA CYS A 427 1.19 5.95 2.04
C CYS A 427 0.73 5.33 3.36
N SER A 428 -0.58 5.21 3.53
CA SER A 428 -1.14 4.67 4.76
C SER A 428 -2.62 4.42 4.50
N CYS A 429 -3.41 4.29 5.56
CA CYS A 429 -4.83 4.02 5.46
CA CYS A 429 -4.83 4.12 5.36
C CYS A 429 -5.61 5.12 6.17
N PHE A 430 -6.77 5.49 5.64
CA PHE A 430 -7.68 6.37 6.37
C PHE A 430 -8.51 5.53 7.34
N ALA A 431 -8.75 4.28 6.97
CA ALA A 431 -9.54 3.35 7.78
C ALA A 431 -8.98 1.95 7.62
N GLY A 432 -9.19 1.12 8.63
CA GLY A 432 -8.62 -0.21 8.59
C GLY A 432 -8.63 -0.83 9.96
N ALA A 433 -7.54 -1.53 10.28
CA ALA A 433 -7.52 -2.44 11.41
C ALA A 433 -7.34 -1.78 12.78
N VAL A 434 -7.95 -2.37 13.79
CA VAL A 434 -7.73 -2.00 15.19
C VAL A 434 -7.73 -3.32 15.97
N PRO A 435 -6.65 -3.61 16.71
CA PRO A 435 -6.52 -4.94 17.33
C PRO A 435 -7.60 -5.23 18.37
N THR A 436 -8.25 -4.18 18.87
CA THR A 436 -9.16 -4.32 20.02
C THR A 436 -10.64 -4.37 19.66
N LEU A 437 -10.95 -4.36 18.38
CA LEU A 437 -12.35 -4.33 17.95
C LEU A 437 -12.78 -5.61 17.26
N PRO A 438 -14.09 -5.88 17.24
CA PRO A 438 -14.56 -7.06 16.51
C PRO A 438 -14.41 -6.87 15.01
N VAL A 439 -14.47 -7.98 14.27
CA VAL A 439 -14.46 -7.95 12.81
C VAL A 439 -15.84 -8.27 12.28
N HIS A 440 -16.27 -7.50 11.29
CA HIS A 440 -17.59 -7.73 10.66
C HIS A 440 -17.44 -7.92 9.16
N ILE A 441 -18.37 -8.67 8.57
CA ILE A 441 -18.32 -8.96 7.14
C ILE A 441 -18.25 -7.68 6.30
N GLY A 442 -17.25 -7.61 5.41
CA GLY A 442 -17.17 -6.53 4.43
C GLY A 442 -16.95 -5.14 5.01
N GLU A 443 -16.50 -5.06 6.25
CA GLU A 443 -16.22 -3.76 6.87
C GLU A 443 -14.75 -3.55 7.20
N LEU A 444 -14.31 -2.30 7.11
CA LEU A 444 -13.07 -1.89 7.74
C LEU A 444 -13.44 -1.46 9.16
N GLN A 445 -12.66 -1.89 10.14
CA GLN A 445 -13.05 -1.70 11.55
C GLN A 445 -13.26 -0.24 11.97
N ALA A 446 -12.36 0.65 11.58
CA ALA A 446 -12.50 2.04 12.00
C ALA A 446 -11.55 2.96 11.26
N PRO A 447 -11.92 4.25 11.15
CA PRO A 447 -10.95 5.27 10.76
C PRO A 447 -9.74 5.17 11.68
N GLY A 448 -8.55 5.42 11.15
CA GLY A 448 -7.35 5.38 11.95
C GLY A 448 -7.31 6.52 12.97
N LEU A 449 -6.44 6.38 13.97
CA LEU A 449 -6.29 7.45 14.96
C LEU A 449 -5.84 8.75 14.29
N GLY A 450 -6.47 9.85 14.67
CA GLY A 450 -6.12 11.16 14.14
C GLY A 450 -6.78 11.41 12.80
N THR A 451 -7.56 10.46 12.32
CA THR A 451 -8.24 10.63 11.03
C THR A 451 -9.73 10.93 11.21
N ASP A 452 -10.14 12.14 10.85
CA ASP A 452 -11.56 12.53 10.94
C ASP A 452 -12.26 12.16 9.65
N LEU A 453 -12.62 10.89 9.53
CA LEU A 453 -13.24 10.38 8.33
C LEU A 453 -14.74 10.48 8.45
N GLN A 454 -15.39 10.99 7.40
CA GLN A 454 -16.84 11.10 7.41
C GLN A 454 -17.37 10.70 6.04
N SER A 455 -18.68 10.48 5.95
CA SER A 455 -19.31 10.19 4.68
C SER A 455 -20.23 11.37 4.41
N TRP A 456 -19.98 12.08 3.32
CA TRP A 456 -20.71 13.32 3.06
C TRP A 456 -21.70 13.25 1.92
N ASP A 457 -22.84 13.90 2.09
CA ASP A 457 -23.82 14.00 1.03
C ASP A 457 -23.40 15.12 0.09
N PRO A 458 -24.12 15.28 -1.04
CA PRO A 458 -23.72 16.31 -2.01
C PRO A 458 -23.66 17.71 -1.41
N SER A 459 -24.35 17.94 -0.30
CA SER A 459 -24.34 19.25 0.35
C SER A 459 -23.19 19.44 1.34
N GLY A 460 -22.41 18.38 1.56
CA GLY A 460 -21.29 18.47 2.47
C GLY A 460 -21.69 18.27 3.92
N ASP A 461 -22.82 17.59 4.13
CA ASP A 461 -23.25 17.26 5.48
C ASP A 461 -23.04 15.77 5.71
N PRO A 462 -22.73 15.40 6.96
CA PRO A 462 -22.34 14.02 7.31
C PRO A 462 -23.51 13.05 7.40
N LEU A 463 -23.25 11.82 6.94
CA LEU A 463 -24.25 10.76 6.91
C LEU A 463 -23.85 9.60 7.79
N THR A 464 -24.84 8.93 8.36
CA THR A 464 -24.62 7.72 9.13
C THR A 464 -25.50 6.61 8.56
N ASP A 465 -24.89 5.46 8.27
CA ASP A 465 -25.59 4.32 7.70
C ASP A 465 -26.24 4.64 6.35
N GLU A 466 -25.64 5.58 5.62
CA GLU A 466 -26.10 5.99 4.29
C GLU A 466 -24.89 6.21 3.39
N VAL A 467 -25.02 5.85 2.11
CA VAL A 467 -23.89 5.97 1.19
C VAL A 467 -23.57 7.41 0.85
N GLY A 468 -22.29 7.75 0.83
CA GLY A 468 -21.85 9.10 0.57
C GLY A 468 -20.38 9.14 0.19
N GLU A 469 -19.83 10.34 0.10
CA GLU A 469 -18.43 10.52 -0.27
C GLU A 469 -17.52 10.37 0.94
N LEU A 470 -16.49 9.54 0.81
CA LEU A 470 -15.46 9.49 1.86
C LEU A 470 -14.74 10.84 1.88
N VAL A 471 -14.79 11.52 3.02
CA VAL A 471 -13.99 12.72 3.20
C VAL A 471 -13.13 12.60 4.46
N VAL A 472 -11.99 13.28 4.43
CA VAL A 472 -11.19 13.43 5.62
C VAL A 472 -11.13 14.93 5.87
N THR A 473 -11.63 15.34 7.04
CA THR A 473 -11.88 16.76 7.27
C THR A 473 -10.75 17.45 8.01
N ASN A 474 -9.73 16.68 8.41
CA ASN A 474 -8.59 17.24 9.12
C ASN A 474 -7.27 16.81 8.47
N PRO A 475 -6.18 17.58 8.70
CA PRO A 475 -4.90 17.19 8.10
C PRO A 475 -4.27 15.97 8.76
N MET A 476 -3.51 15.23 7.96
CA MET A 476 -2.74 14.09 8.43
C MET A 476 -1.29 14.33 8.02
N PRO A 477 -0.35 13.98 8.89
CA PRO A 477 1.07 14.30 8.62
C PRO A 477 1.61 13.72 7.32
N SER A 478 1.14 12.53 6.91
CA SER A 478 1.67 11.90 5.70
C SER A 478 0.94 12.27 4.40
N MET A 479 -0.02 13.18 4.48
CA MET A 479 -0.60 13.71 3.24
C MET A 479 0.52 14.35 2.43
N PRO A 480 0.41 14.31 1.10
CA PRO A 480 1.50 14.81 0.25
C PRO A 480 1.84 16.28 0.54
N ILE A 481 3.13 16.57 0.64
CA ILE A 481 3.61 17.95 0.66
C ILE A 481 3.12 18.68 -0.60
N ARG A 482 3.18 17.98 -1.72
CA ARG A 482 2.72 18.46 -3.02
C ARG A 482 2.93 17.36 -4.04
N PHE A 483 2.57 17.61 -5.30
CA PHE A 483 2.96 16.74 -6.40
C PHE A 483 4.15 17.39 -7.09
N TRP A 484 5.14 16.59 -7.50
CA TRP A 484 6.23 17.12 -8.31
C TRP A 484 5.73 17.32 -9.74
N ASN A 485 6.27 18.32 -10.45
CA ASN A 485 5.87 18.56 -11.84
C ASN A 485 4.39 18.89 -11.91
N ASP A 486 3.95 19.83 -11.07
CA ASP A 486 2.54 20.19 -10.94
C ASP A 486 2.37 21.70 -10.83
N PRO A 487 2.51 22.40 -11.96
CA PRO A 487 2.38 23.87 -11.97
C PRO A 487 1.11 24.37 -11.27
N ASP A 488 1.26 25.37 -10.42
CA ASP A 488 0.13 25.96 -9.70
C ASP A 488 -0.52 24.99 -8.73
N GLY A 489 0.00 23.76 -8.64
CA GLY A 489 -0.60 22.76 -7.76
C GLY A 489 -1.97 22.31 -8.24
N SER A 490 -2.21 22.48 -9.54
CA SER A 490 -3.51 22.16 -10.13
C SER A 490 -3.93 20.68 -10.03
N ARG A 491 -2.99 19.77 -10.26
CA ARG A 491 -3.32 18.35 -10.21
C ARG A 491 -3.61 17.87 -8.79
N TYR A 492 -2.86 18.39 -7.82
CA TYR A 492 -3.06 18.03 -6.42
C TYR A 492 -4.43 18.56 -6.00
N HIS A 493 -4.72 19.80 -6.35
CA HIS A 493 -6.02 20.38 -6.05
C HIS A 493 -7.16 19.59 -6.68
N ASP A 494 -7.04 19.31 -7.97
CA ASP A 494 -8.11 18.60 -8.68
C ASP A 494 -8.26 17.17 -8.18
N SER A 495 -7.22 16.62 -7.57
CA SER A 495 -7.26 15.25 -7.11
C SER A 495 -8.16 15.07 -5.88
N TYR A 496 -8.14 16.01 -4.96
CA TYR A 496 -8.86 15.83 -3.69
C TYR A 496 -9.67 17.03 -3.19
N PHE A 497 -9.38 18.22 -3.72
CA PHE A 497 -9.85 19.42 -3.05
C PHE A 497 -10.84 20.25 -3.85
N ASP A 498 -11.33 19.70 -4.95
CA ASP A 498 -12.17 20.45 -5.88
C ASP A 498 -13.67 20.20 -5.69
N THR A 499 -14.03 19.43 -4.67
CA THR A 499 -15.44 19.13 -4.43
C THR A 499 -16.00 19.87 -3.22
N TYR A 500 -15.36 19.67 -2.07
CA TYR A 500 -15.72 20.38 -0.86
C TYR A 500 -14.50 21.19 -0.44
N PRO A 501 -14.65 22.53 -0.35
CA PRO A 501 -13.51 23.39 -0.09
C PRO A 501 -12.79 23.05 1.21
N GLY A 502 -11.46 22.92 1.14
CA GLY A 502 -10.64 22.71 2.33
C GLY A 502 -10.74 21.31 2.93
N VAL A 503 -11.43 20.42 2.24
CA VAL A 503 -11.65 19.07 2.76
C VAL A 503 -11.12 18.04 1.75
N TRP A 504 -10.47 16.99 2.25
CA TRP A 504 -9.95 15.93 1.39
C TRP A 504 -11.08 15.00 0.95
N ARG A 505 -11.40 15.03 -0.34
CA ARG A 505 -12.40 14.13 -0.90
C ARG A 505 -11.70 13.02 -1.66
N HIS A 506 -11.81 11.79 -1.18
CA HIS A 506 -10.94 10.73 -1.67
C HIS A 506 -11.41 10.05 -2.95
N GLY A 507 -12.71 10.13 -3.25
CA GLY A 507 -13.25 9.48 -4.43
C GLY A 507 -13.77 8.07 -4.16
N ASP A 508 -14.09 7.79 -2.91
CA ASP A 508 -14.67 6.50 -2.54
C ASP A 508 -16.12 6.72 -2.14
N TRP A 509 -16.98 5.81 -2.60
CA TRP A 509 -18.39 5.81 -2.24
C TRP A 509 -18.49 4.92 -1.02
N ILE A 510 -18.87 5.50 0.13
CA ILE A 510 -18.78 4.75 1.37
C ILE A 510 -20.00 4.86 2.29
N THR A 511 -20.08 3.92 3.22
CA THR A 511 -20.95 4.06 4.38
C THR A 511 -20.14 4.11 5.66
N LEU A 512 -20.43 5.09 6.50
CA LEU A 512 -19.87 5.11 7.85
C LEU A 512 -20.98 4.64 8.79
N THR A 513 -20.82 3.45 9.35
CA THR A 513 -21.89 2.85 10.15
C THR A 513 -22.02 3.52 11.51
N SER A 514 -23.13 3.26 12.19
N SER A 514 -23.13 3.26 12.19
CA SER A 514 -23.36 3.81 13.53
CA SER A 514 -23.36 3.81 13.53
C SER A 514 -22.36 3.24 14.52
C SER A 514 -22.38 3.23 14.53
N ARG A 515 -21.72 2.14 14.16
CA ARG A 515 -20.71 1.52 15.01
C ARG A 515 -19.31 2.12 14.76
N GLY A 516 -19.24 3.06 13.82
CA GLY A 516 -17.98 3.75 13.53
C GLY A 516 -17.08 2.99 12.55
N SER A 517 -17.64 1.97 11.89
CA SER A 517 -16.87 1.21 10.93
C SER A 517 -17.18 1.70 9.52
N VAL A 518 -16.44 1.20 8.54
CA VAL A 518 -16.52 1.76 7.19
C VAL A 518 -16.71 0.69 6.13
N VAL A 519 -17.68 0.91 5.26
CA VAL A 519 -17.88 0.05 4.10
C VAL A 519 -17.55 0.82 2.83
N ILE A 520 -16.63 0.28 2.04
CA ILE A 520 -16.29 0.91 0.77
C ILE A 520 -17.04 0.21 -0.34
N HIS A 521 -17.97 0.92 -0.99
CA HIS A 521 -18.86 0.33 -1.99
C HIS A 521 -18.27 0.34 -3.39
N GLY A 522 -17.29 1.22 -3.60
CA GLY A 522 -16.67 1.37 -4.89
C GLY A 522 -16.17 2.80 -5.07
N ARG A 523 -15.60 3.09 -6.23
CA ARG A 523 -15.16 4.44 -6.51
C ARG A 523 -16.35 5.33 -6.86
N SER A 524 -16.35 6.53 -6.30
CA SER A 524 -17.44 7.47 -6.52
C SER A 524 -17.64 7.81 -7.99
N ASP A 525 -16.55 7.93 -8.73
CA ASP A 525 -16.61 8.29 -10.15
CA ASP A 525 -16.64 8.30 -10.14
C ASP A 525 -16.99 7.10 -11.03
N SER A 526 -17.27 5.96 -10.42
CA SER A 526 -17.60 4.75 -11.16
C SER A 526 -18.90 4.09 -10.68
N THR A 527 -19.69 4.84 -9.92
CA THR A 527 -20.97 4.32 -9.43
C THR A 527 -21.95 4.08 -10.58
N LEU A 528 -22.92 3.22 -10.33
CA LEU A 528 -23.99 2.98 -11.28
C LEU A 528 -25.22 3.70 -10.78
N ASN A 529 -25.80 4.55 -11.63
CA ASN A 529 -26.89 5.41 -11.20
C ASN A 529 -28.22 5.00 -11.81
N ARG A 530 -29.08 4.39 -11.00
CA ARG A 530 -30.39 3.90 -11.44
C ARG A 530 -31.28 3.61 -10.24
N VAL A 533 -30.91 6.51 -7.46
CA VAL A 533 -30.14 5.56 -6.66
C VAL A 533 -28.73 5.37 -7.22
N ARG A 534 -27.74 5.45 -6.34
CA ARG A 534 -26.34 5.42 -6.76
C ARG A 534 -25.61 4.21 -6.16
N MET A 535 -25.20 3.29 -7.02
CA MET A 535 -24.68 2.00 -6.58
C MET A 535 -23.18 1.85 -6.78
N GLY A 536 -22.51 1.32 -5.76
CA GLY A 536 -21.09 1.04 -5.86
C GLY A 536 -20.86 -0.23 -6.67
N SER A 537 -19.79 -0.24 -7.46
CA SER A 537 -19.52 -1.38 -8.32
C SER A 537 -18.93 -2.56 -7.54
N ALA A 538 -18.28 -2.28 -6.41
CA ALA A 538 -17.64 -3.33 -5.61
C ALA A 538 -18.64 -4.39 -5.16
N ASP A 539 -19.79 -3.94 -4.65
CA ASP A 539 -20.86 -4.85 -4.27
C ASP A 539 -21.13 -5.84 -5.41
N ILE A 540 -21.28 -5.31 -6.62
CA ILE A 540 -21.59 -6.12 -7.79
C ILE A 540 -20.49 -7.12 -8.16
N TYR A 541 -19.24 -6.68 -8.10
CA TYR A 541 -18.13 -7.58 -8.40
C TYR A 541 -18.09 -8.77 -7.45
N GLU A 542 -18.30 -8.50 -6.16
CA GLU A 542 -18.31 -9.58 -5.17
C GLU A 542 -19.32 -10.67 -5.54
N ALA A 543 -20.54 -10.25 -5.85
CA ALA A 543 -21.62 -11.18 -6.17
C ALA A 543 -21.34 -11.96 -7.43
N VAL A 544 -21.18 -11.25 -8.54
CA VAL A 544 -20.93 -11.87 -9.84
C VAL A 544 -19.71 -12.79 -9.82
N GLU A 545 -18.64 -12.35 -9.16
CA GLU A 545 -17.36 -13.05 -9.26
C GLU A 545 -17.27 -14.24 -8.32
N ARG A 546 -18.31 -14.47 -7.53
CA ARG A 546 -18.40 -15.68 -6.71
C ARG A 546 -18.75 -16.87 -7.60
N LEU A 547 -19.38 -16.57 -8.74
CA LEU A 547 -19.73 -17.61 -9.71
C LEU A 547 -18.49 -18.27 -10.29
N PRO A 548 -18.47 -19.61 -10.29
CA PRO A 548 -17.28 -20.35 -10.73
C PRO A 548 -16.85 -20.01 -12.16
N GLU A 549 -17.82 -19.78 -13.04
CA GLU A 549 -17.52 -19.58 -14.46
C GLU A 549 -16.91 -18.20 -14.80
N ILE A 550 -17.01 -17.28 -13.85
CA ILE A 550 -16.54 -15.91 -14.07
C ILE A 550 -15.21 -15.66 -13.37
N ARG A 551 -14.14 -15.51 -14.15
CA ARG A 551 -12.82 -15.23 -13.59
C ARG A 551 -12.76 -13.81 -13.03
N GLU A 552 -13.15 -12.84 -13.86
CA GLU A 552 -13.19 -11.45 -13.44
C GLU A 552 -14.25 -10.71 -14.24
N SER A 553 -14.74 -9.61 -13.69
CA SER A 553 -15.76 -8.82 -14.36
C SER A 553 -15.47 -7.33 -14.28
N LEU A 554 -16.20 -6.56 -15.08
CA LEU A 554 -16.08 -5.11 -15.10
C LEU A 554 -17.46 -4.56 -15.45
N VAL A 555 -18.00 -3.70 -14.60
CA VAL A 555 -19.30 -3.10 -14.87
C VAL A 555 -19.15 -1.60 -15.09
N ILE A 556 -19.86 -1.09 -16.09
CA ILE A 556 -19.80 0.31 -16.49
C ILE A 556 -21.22 0.86 -16.64
N GLY A 557 -21.40 2.16 -16.42
CA GLY A 557 -22.68 2.80 -16.61
C GLY A 557 -22.52 4.09 -17.38
N ILE A 558 -23.23 4.23 -18.49
CA ILE A 558 -23.08 5.42 -19.33
C ILE A 558 -24.42 5.99 -19.78
N GLU A 559 -24.58 7.30 -19.59
CA GLU A 559 -25.78 7.99 -20.01
C GLU A 559 -25.73 8.31 -21.50
N TYR A 565 -29.67 5.24 -20.37
CA TYR A 565 -28.59 4.74 -19.52
C TYR A 565 -28.27 3.27 -19.84
N TRP A 566 -27.02 3.04 -20.23
CA TRP A 566 -26.59 1.68 -20.59
C TRP A 566 -25.63 1.14 -19.53
N MET A 567 -25.94 -0.05 -19.01
CA MET A 567 -25.13 -0.67 -17.96
C MET A 567 -24.72 -2.10 -18.31
N PRO A 568 -23.68 -2.24 -19.15
CA PRO A 568 -23.19 -3.55 -19.54
C PRO A 568 -22.25 -4.14 -18.50
N LEU A 569 -22.25 -5.47 -18.41
CA LEU A 569 -21.32 -6.18 -17.56
C LEU A 569 -20.36 -6.96 -18.46
N PHE A 570 -19.08 -6.65 -18.38
CA PHE A 570 -18.07 -7.38 -19.14
C PHE A 570 -17.53 -8.53 -18.29
N VAL A 571 -17.54 -9.73 -18.85
CA VAL A 571 -17.07 -10.91 -18.12
C VAL A 571 -15.95 -11.66 -18.85
N HIS A 572 -14.85 -11.85 -18.14
CA HIS A 572 -13.77 -12.72 -18.58
C HIS A 572 -14.06 -14.09 -17.99
N LEU A 573 -14.33 -15.08 -18.84
CA LEU A 573 -14.79 -16.39 -18.40
C LEU A 573 -13.67 -17.32 -17.96
N ALA A 574 -13.98 -18.19 -17.01
CA ALA A 574 -13.05 -19.26 -16.61
C ALA A 574 -12.87 -20.21 -17.78
N PRO A 575 -11.72 -20.89 -17.85
CA PRO A 575 -11.47 -21.84 -18.94
C PRO A 575 -12.54 -22.92 -18.96
N GLY A 576 -13.08 -23.21 -20.14
CA GLY A 576 -14.11 -24.22 -20.30
C GLY A 576 -15.52 -23.68 -20.20
N ALA A 577 -15.67 -22.51 -19.56
CA ALA A 577 -16.99 -21.91 -19.40
C ALA A 577 -17.49 -21.26 -20.68
N THR A 578 -18.81 -21.27 -20.87
CA THR A 578 -19.43 -20.66 -22.04
C THR A 578 -20.56 -19.71 -21.61
N LEU A 579 -20.65 -18.56 -22.27
CA LEU A 579 -21.68 -17.60 -21.94
C LEU A 579 -23.01 -17.97 -22.60
N ASP A 580 -23.74 -18.89 -21.97
CA ASP A 580 -25.00 -19.37 -22.51
C ASP A 580 -26.19 -18.79 -21.74
N ASP A 581 -27.40 -19.13 -22.16
CA ASP A 581 -28.61 -18.64 -21.52
C ASP A 581 -28.64 -19.01 -20.04
N ALA A 582 -28.14 -20.20 -19.73
CA ALA A 582 -28.11 -20.67 -18.34
C ALA A 582 -27.17 -19.80 -17.50
N LEU A 583 -26.02 -19.46 -18.10
CA LEU A 583 -25.04 -18.60 -17.44
C LEU A 583 -25.60 -17.19 -17.20
N LEU A 584 -26.21 -16.62 -18.23
CA LEU A 584 -26.82 -15.29 -18.11
C LEU A 584 -27.91 -15.29 -17.05
N ASP A 585 -28.64 -16.40 -16.95
CA ASP A 585 -29.68 -16.54 -15.94
C ASP A 585 -29.09 -16.57 -14.53
N ARG A 586 -27.99 -17.32 -14.36
CA ARG A 586 -27.32 -17.40 -13.06
C ARG A 586 -26.76 -16.05 -12.64
N ILE A 587 -26.16 -15.35 -13.59
CA ILE A 587 -25.61 -14.02 -13.35
C ILE A 587 -26.68 -13.05 -12.85
N LYS A 588 -27.74 -12.89 -13.65
CA LYS A 588 -28.83 -11.99 -13.31
C LYS A 588 -29.52 -12.41 -12.01
N ARG A 589 -29.59 -13.71 -11.77
CA ARG A 589 -30.26 -14.24 -10.59
C ARG A 589 -29.53 -13.86 -9.30
N THR A 590 -28.25 -14.22 -9.22
CA THR A 590 -27.46 -13.95 -8.03
C THR A 590 -27.42 -12.48 -7.69
N ILE A 591 -27.54 -11.63 -8.71
CA ILE A 591 -27.52 -10.19 -8.51
C ILE A 591 -28.83 -9.69 -7.88
N ARG A 592 -29.95 -10.01 -8.53
CA ARG A 592 -31.27 -9.57 -8.05
C ARG A 592 -31.60 -10.14 -6.67
N VAL A 593 -30.91 -11.22 -6.30
CA VAL A 593 -31.14 -11.86 -5.01
C VAL A 593 -30.28 -11.24 -3.90
N ASN A 594 -28.97 -11.24 -4.12
CA ASN A 594 -28.02 -10.78 -3.10
C ASN A 594 -27.98 -9.27 -2.95
N LEU A 595 -28.24 -8.55 -4.04
CA LEU A 595 -28.24 -7.10 -4.01
C LEU A 595 -29.63 -6.54 -4.23
N SER A 596 -30.02 -6.39 -5.49
CA SER A 596 -31.32 -5.85 -5.84
C SER A 596 -31.51 -5.87 -7.34
N PRO A 597 -32.77 -5.72 -7.80
CA PRO A 597 -33.06 -5.66 -9.23
C PRO A 597 -32.37 -4.48 -9.91
N ARG A 598 -32.13 -3.42 -9.15
CA ARG A 598 -31.46 -2.24 -9.67
C ARG A 598 -30.04 -2.57 -10.13
N HIS A 599 -29.44 -3.57 -9.48
CA HIS A 599 -28.06 -3.94 -9.74
C HIS A 599 -27.88 -4.79 -10.99
N VAL A 600 -28.98 -5.31 -11.53
CA VAL A 600 -28.92 -6.19 -12.69
C VAL A 600 -28.50 -5.43 -13.96
N PRO A 601 -27.46 -5.93 -14.65
CA PRO A 601 -26.91 -5.34 -15.87
C PRO A 601 -27.91 -5.32 -17.03
N ASP A 602 -27.78 -4.35 -17.93
CA ASP A 602 -28.61 -4.29 -19.13
C ASP A 602 -28.18 -5.33 -20.14
N GLU A 603 -26.93 -5.79 -19.99
CA GLU A 603 -26.31 -6.65 -20.99
C GLU A 603 -25.06 -7.31 -20.42
N VAL A 604 -24.78 -8.53 -20.85
CA VAL A 604 -23.55 -9.21 -20.46
C VAL A 604 -22.71 -9.50 -21.70
N ILE A 605 -21.45 -9.12 -21.68
CA ILE A 605 -20.59 -9.23 -22.85
C ILE A 605 -19.29 -9.94 -22.49
N GLU A 606 -19.03 -11.06 -23.15
CA GLU A 606 -17.80 -11.82 -22.89
C GLU A 606 -16.60 -11.06 -23.43
N VAL A 607 -15.50 -11.11 -22.68
CA VAL A 607 -14.27 -10.42 -23.06
C VAL A 607 -13.07 -11.32 -22.85
N PRO A 608 -11.99 -11.09 -23.62
CA PRO A 608 -10.77 -11.88 -23.51
C PRO A 608 -10.08 -11.64 -22.18
N GLY A 609 -10.44 -10.53 -21.51
CA GLY A 609 -9.87 -10.20 -20.22
C GLY A 609 -10.30 -8.85 -19.67
N ILE A 610 -9.78 -8.50 -18.51
CA ILE A 610 -10.10 -7.23 -17.85
C ILE A 610 -8.80 -6.43 -17.70
N PRO A 611 -8.77 -5.21 -18.25
CA PRO A 611 -7.54 -4.41 -18.22
C PRO A 611 -7.34 -3.83 -16.82
N HIS A 612 -6.09 -3.62 -16.41
CA HIS A 612 -5.79 -3.10 -15.07
C HIS A 612 -4.73 -2.01 -15.10
N THR A 613 -4.60 -1.28 -14.00
CA THR A 613 -3.45 -0.41 -13.82
C THR A 613 -2.23 -1.30 -13.60
N LEU A 614 -1.04 -0.72 -13.52
CA LEU A 614 0.19 -1.48 -13.27
C LEU A 614 0.13 -2.23 -11.93
N THR A 615 -0.64 -1.68 -10.99
CA THR A 615 -0.76 -2.27 -9.67
C THR A 615 -1.93 -3.25 -9.59
N GLY A 616 -2.61 -3.44 -10.71
CA GLY A 616 -3.68 -4.43 -10.79
C GLY A 616 -5.06 -3.92 -10.40
N LYS A 617 -5.21 -2.60 -10.26
CA LYS A 617 -6.54 -2.03 -10.04
C LYS A 617 -7.38 -2.05 -11.32
N ARG A 618 -8.67 -2.29 -11.16
CA ARG A 618 -9.59 -2.26 -12.30
C ARG A 618 -9.62 -0.85 -12.87
N ILE A 619 -9.83 -0.74 -14.18
CA ILE A 619 -9.86 0.59 -14.80
C ILE A 619 -11.21 0.89 -15.45
N GLU A 620 -12.21 1.12 -14.61
CA GLU A 620 -13.57 1.37 -15.07
C GLU A 620 -13.69 2.70 -15.83
N VAL A 621 -12.98 3.73 -15.35
CA VAL A 621 -13.12 5.05 -15.94
C VAL A 621 -12.57 5.14 -17.37
N PRO A 622 -11.32 4.68 -17.56
CA PRO A 622 -10.76 4.63 -18.92
C PRO A 622 -11.63 3.81 -19.87
N VAL A 623 -12.16 2.68 -19.42
CA VAL A 623 -13.00 1.86 -20.27
C VAL A 623 -14.28 2.60 -20.64
N LYS A 624 -14.87 3.29 -19.67
CA LYS A 624 -16.06 4.10 -19.91
C LYS A 624 -15.79 5.13 -21.01
N ARG A 625 -14.65 5.81 -20.93
CA ARG A 625 -14.28 6.81 -21.92
C ARG A 625 -14.20 6.21 -23.31
N LEU A 626 -13.56 5.04 -23.42
CA LEU A 626 -13.47 4.32 -24.68
C LEU A 626 -14.85 4.03 -25.24
N LEU A 627 -15.72 3.48 -24.39
CA LEU A 627 -17.08 3.15 -24.79
C LEU A 627 -17.88 4.40 -25.15
N GLN A 628 -17.47 5.54 -24.62
CA GLN A 628 -18.09 6.81 -24.96
C GLN A 628 -17.53 7.39 -26.27
N GLY A 629 -16.56 6.69 -26.86
CA GLY A 629 -16.03 7.07 -28.16
C GLY A 629 -14.68 7.76 -28.15
N THR A 630 -14.10 7.96 -26.99
CA THR A 630 -12.77 8.55 -26.90
C THR A 630 -11.75 7.56 -27.48
N PRO A 631 -10.94 8.01 -28.45
CA PRO A 631 -9.96 7.08 -29.03
C PRO A 631 -8.97 6.61 -27.97
N LEU A 632 -8.52 5.36 -28.12
CA LEU A 632 -7.55 4.78 -27.20
C LEU A 632 -6.36 5.72 -27.02
N ASP A 633 -5.87 6.26 -28.13
CA ASP A 633 -4.67 7.09 -28.08
C ASP A 633 -4.81 8.30 -27.16
N LYS A 634 -6.03 8.77 -26.97
CA LYS A 634 -6.26 9.97 -26.15
C LYS A 634 -6.92 9.67 -24.80
N ALA A 635 -7.32 8.41 -24.58
CA ALA A 635 -8.06 8.05 -23.36
C ALA A 635 -7.15 7.74 -22.17
N VAL A 636 -5.97 7.21 -22.45
CA VAL A 636 -5.11 6.69 -21.38
C VAL A 636 -3.65 6.85 -21.71
N ASN A 637 -2.84 6.89 -20.66
CA ASN A 637 -1.41 6.75 -20.80
C ASN A 637 -1.12 5.25 -20.85
N PRO A 638 -0.68 4.76 -22.00
CA PRO A 638 -0.52 3.30 -22.16
C PRO A 638 0.54 2.72 -21.23
N GLY A 639 1.50 3.55 -20.82
CA GLY A 639 2.54 3.09 -19.90
C GLY A 639 1.98 2.82 -18.51
N SER A 640 0.73 3.23 -18.29
CA SER A 640 0.12 3.13 -16.97
C SER A 640 -0.94 2.03 -16.86
N ILE A 641 -1.06 1.25 -17.93
CA ILE A 641 -2.01 0.14 -17.94
C ILE A 641 -1.26 -1.15 -18.29
N ASP A 642 -1.82 -2.30 -17.91
CA ASP A 642 -1.06 -3.55 -17.93
C ASP A 642 -1.12 -4.32 -19.25
N ASN A 643 -2.01 -3.92 -20.15
CA ASN A 643 -2.22 -4.69 -21.37
C ASN A 643 -2.90 -3.85 -22.45
N LEU A 644 -2.10 -3.26 -23.33
CA LEU A 644 -2.60 -2.36 -24.36
C LEU A 644 -3.61 -3.02 -25.30
N ASP A 645 -3.29 -4.24 -25.72
CA ASP A 645 -4.16 -4.94 -26.67
C ASP A 645 -5.53 -5.24 -26.07
N LEU A 646 -5.55 -5.59 -24.79
CA LEU A 646 -6.81 -5.84 -24.10
C LEU A 646 -7.66 -4.57 -24.06
N LEU A 647 -7.01 -3.44 -23.80
CA LEU A 647 -7.72 -2.17 -23.77
C LEU A 647 -8.21 -1.81 -25.18
N HIS A 648 -7.44 -2.19 -26.18
CA HIS A 648 -7.80 -1.94 -27.59
C HIS A 648 -9.08 -2.68 -27.98
N PHE A 649 -9.31 -3.82 -27.33
CA PHE A 649 -10.57 -4.56 -27.53
C PHE A 649 -11.78 -3.65 -27.31
N TYR A 650 -11.75 -2.89 -26.21
CA TYR A 650 -12.85 -2.02 -25.86
C TYR A 650 -13.02 -0.84 -26.81
N GLU A 651 -11.92 -0.33 -27.34
CA GLU A 651 -11.98 0.69 -28.40
C GLU A 651 -12.67 0.12 -29.63
N GLU A 652 -12.30 -1.10 -30.00
CA GLU A 652 -12.92 -1.78 -31.13
C GLU A 652 -14.42 -1.96 -30.90
N LEU A 653 -14.79 -2.28 -29.67
CA LEU A 653 -16.20 -2.47 -29.31
C LEU A 653 -16.98 -1.19 -29.58
N ALA A 654 -16.46 -0.07 -29.10
CA ALA A 654 -17.09 1.23 -29.33
C ALA A 654 -17.14 1.56 -30.82
N ARG A 655 -16.09 1.20 -31.54
CA ARG A 655 -16.03 1.43 -32.99
C ARG A 655 -17.12 0.61 -33.69
N LYS A 656 -17.29 -0.63 -33.24
CA LYS A 656 -18.28 -1.52 -33.83
C LYS A 656 -19.70 -1.05 -33.53
N ARG A 657 -19.87 -0.38 -32.40
CA ARG A 657 -21.17 0.12 -31.99
C ARG A 657 -21.37 1.57 -32.42
N SER A 658 -20.32 2.17 -32.96
CA SER A 658 -20.37 3.57 -33.39
C SER A 658 -21.48 3.82 -34.40
#